data_7UWP
#
_entry.id   7UWP
#
_cell.length_a   100.397
_cell.length_b   101.561
_cell.length_c   122.004
_cell.angle_alpha   90.000
_cell.angle_beta   90.000
_cell.angle_gamma   90.000
#
_symmetry.space_group_name_H-M   'P 21 21 21'
#
loop_
_entity.id
_entity.type
_entity.pdbx_description
1 polymer 'sterol 14a-demethylase'
2 non-polymer 'PROTOPORPHYRIN IX CONTAINING FE'
3 non-polymer DODECYL-BETA-D-MALTOSIDE
4 water water
#
_entity_poly.entity_id   1
_entity_poly.type   'polypeptide(L)'
_entity_poly.pdbx_seq_one_letter_code
;MAKKTSSKGKLPPVVSSLIPFVGSGLSFAGGPLQYTTDAYKKYGDIFTMKVFGQRLTFLVGPDAHVPFFSQGDAELSQDE
PYQFSVPIFGPNVVYGADLAHRNQQLKFIAASLSTKALQSYVPLIVKEAEDFFAKWDKSGTVDIRDALAELIILTASRCL
MGKEIRENLFTEVAKLYQTLDEGLLPISVFFPYLPIPAHKRRDEARLAMVRMFKKIIDERRANPEVKHNDCLQVFMDARY
RGEEQALNDEEITGLMIALLFAGQHTSSVTGSWTGLLLFEANNKKKFLPGVLEEQEEIRKEFGDELTMEALNKMDKLHRC
VKEALRMYPPLLFVMRKVIKPFSYKDYYVPEGDTVFVSPALSMRVEEVFPNADQYNPERFVEEDKQAQKYRFVGFGAGRH
GCMGENFAYLQIKTIWSVLLRNFDIELVGELPKPDYTAMVVGPAHPCLLRYTRKHHHHHH
;
_entity_poly.pdbx_strand_id   A,B
#
loop_
_chem_comp.id
_chem_comp.type
_chem_comp.name
_chem_comp.formula
HEM non-polymer 'PROTOPORPHYRIN IX CONTAINING FE' 'C34 H32 Fe N4 O4'
LMT D-saccharide DODECYL-BETA-D-MALTOSIDE 'C24 H46 O11'
#
# COMPACT_ATOMS: atom_id res chain seq x y z
N LEU A 11 36.97 2.65 -7.39
CA LEU A 11 35.49 2.54 -7.18
C LEU A 11 35.00 1.29 -7.90
N PRO A 12 34.14 0.49 -7.23
CA PRO A 12 33.41 -0.60 -7.88
C PRO A 12 32.56 -0.05 -9.02
N PRO A 13 32.11 -0.92 -9.93
CA PRO A 13 31.33 -0.47 -11.08
C PRO A 13 30.03 0.18 -10.65
N VAL A 14 29.74 1.35 -11.23
CA VAL A 14 28.42 2.04 -11.11
C VAL A 14 27.55 1.56 -12.27
N VAL A 15 26.50 0.80 -11.96
CA VAL A 15 25.66 0.11 -12.98
C VAL A 15 24.59 1.07 -13.51
N SER A 16 24.13 2.03 -12.71
CA SER A 16 23.19 3.07 -13.21
C SER A 16 23.18 4.27 -12.28
N SER A 17 22.86 5.44 -12.83
CA SER A 17 22.80 6.71 -12.07
C SER A 17 21.55 7.46 -12.51
N LEU A 18 20.59 7.62 -11.60
CA LEU A 18 19.24 8.12 -11.94
C LEU A 18 18.91 9.30 -11.03
N ILE A 19 18.31 10.32 -11.62
CA ILE A 19 17.69 11.47 -10.89
C ILE A 19 16.31 11.63 -11.48
N PRO A 20 15.30 10.95 -10.89
CA PRO A 20 13.94 11.01 -11.42
C PRO A 20 13.27 12.33 -11.03
N PHE A 21 12.25 12.68 -11.81
CA PHE A 21 11.27 13.74 -11.51
C PHE A 21 10.53 13.33 -10.23
N VAL A 22 10.57 14.17 -9.19
CA VAL A 22 10.07 13.79 -7.83
C VAL A 22 8.60 14.19 -7.66
N GLY A 23 8.10 15.18 -8.42
CA GLY A 23 6.79 15.82 -8.20
C GLY A 23 5.65 14.82 -8.06
N SER A 24 5.62 13.82 -8.93
CA SER A 24 4.49 12.85 -8.97
C SER A 24 4.40 12.11 -7.62
N GLY A 25 5.51 12.08 -6.88
CA GLY A 25 5.60 11.49 -5.52
C GLY A 25 4.61 12.08 -4.52
N LEU A 26 4.14 13.32 -4.71
CA LEU A 26 3.21 13.99 -3.76
C LEU A 26 1.95 13.14 -3.60
N SER A 27 1.56 12.44 -4.66
CA SER A 27 0.28 11.66 -4.70
C SER A 27 0.38 10.43 -3.78
N PHE A 28 1.59 10.05 -3.37
CA PHE A 28 1.85 8.90 -2.48
C PHE A 28 2.59 9.33 -1.22
N ALA A 29 2.35 10.55 -0.74
CA ALA A 29 3.04 11.12 0.44
C ALA A 29 2.18 10.96 1.70
N GLY A 30 1.09 10.17 1.62
CA GLY A 30 0.21 9.88 2.77
C GLY A 30 -0.67 11.06 3.15
N GLY A 31 -0.98 11.93 2.18
CA GLY A 31 -2.00 13.00 2.32
C GLY A 31 -1.52 14.12 3.24
N PRO A 32 -0.42 14.82 2.90
CA PRO A 32 0.07 15.94 3.70
C PRO A 32 -0.71 17.25 3.49
N LEU A 33 -2.03 17.23 3.72
CA LEU A 33 -2.94 18.39 3.54
C LEU A 33 -2.70 19.41 4.66
N GLN A 34 -2.60 18.97 5.91
CA GLN A 34 -2.49 19.89 7.08
C GLN A 34 -1.11 20.55 7.02
N TYR A 35 -0.09 19.82 6.56
CA TYR A 35 1.26 20.36 6.37
C TYR A 35 1.24 21.49 5.33
N THR A 36 0.63 21.23 4.17
CA THR A 36 0.53 22.23 3.08
C THR A 36 -0.42 23.36 3.50
N THR A 37 -1.45 23.06 4.29
CA THR A 37 -2.41 24.07 4.82
C THR A 37 -1.65 25.02 5.76
N ASP A 38 -0.76 24.47 6.59
CA ASP A 38 0.04 25.24 7.57
C ASP A 38 0.94 26.23 6.81
N ALA A 39 1.53 25.77 5.70
CA ALA A 39 2.45 26.56 4.87
C ALA A 39 1.66 27.69 4.19
N TYR A 40 0.47 27.38 3.68
CA TYR A 40 -0.47 28.36 3.08
C TYR A 40 -0.82 29.45 4.09
N LYS A 41 -1.16 29.08 5.34
CA LYS A 41 -1.65 30.04 6.38
C LYS A 41 -0.50 30.96 6.82
N LYS A 42 0.75 30.52 6.66
CA LYS A 42 1.95 31.29 7.09
C LYS A 42 2.46 32.14 5.92
N TYR A 43 2.62 31.54 4.73
CA TYR A 43 3.41 32.12 3.62
C TYR A 43 2.50 32.74 2.55
N GLY A 44 1.21 32.40 2.54
CA GLY A 44 0.25 32.92 1.55
C GLY A 44 0.08 31.98 0.36
N ASP A 45 -0.44 32.50 -0.75
CA ASP A 45 -1.13 31.67 -1.76
C ASP A 45 -0.12 31.12 -2.78
N ILE A 46 1.16 31.50 -2.67
CA ILE A 46 2.23 30.92 -3.53
C ILE A 46 3.50 30.70 -2.70
N PHE A 47 3.97 29.45 -2.70
CA PHE A 47 5.13 29.05 -1.89
C PHE A 47 5.74 27.77 -2.48
N THR A 48 6.97 27.50 -2.10
CA THR A 48 7.82 26.48 -2.76
C THR A 48 8.39 25.54 -1.69
N MET A 49 8.34 24.23 -1.95
CA MET A 49 9.12 23.22 -1.21
C MET A 49 10.20 22.68 -2.15
N LYS A 50 11.41 22.44 -1.63
CA LYS A 50 12.48 21.77 -2.39
C LYS A 50 12.72 20.38 -1.82
N VAL A 51 12.81 19.41 -2.71
CA VAL A 51 13.10 17.99 -2.37
C VAL A 51 14.14 17.49 -3.36
N PHE A 52 15.32 17.10 -2.87
CA PHE A 52 16.50 16.76 -3.69
C PHE A 52 16.82 17.93 -4.64
N GLY A 53 16.57 19.16 -4.19
CA GLY A 53 16.85 20.40 -4.95
C GLY A 53 15.82 20.65 -6.05
N GLN A 54 14.78 19.82 -6.16
CA GLN A 54 13.68 20.03 -7.16
C GLN A 54 12.63 20.96 -6.55
N ARG A 55 12.34 22.05 -7.24
CA ARG A 55 11.43 23.12 -6.75
C ARG A 55 9.98 22.68 -7.03
N LEU A 56 9.20 22.54 -5.97
CA LEU A 56 7.74 22.25 -6.02
C LEU A 56 6.97 23.49 -5.57
N THR A 57 6.25 24.14 -6.47
CA THR A 57 5.59 25.44 -6.21
C THR A 57 4.07 25.24 -6.17
N PHE A 58 3.48 25.63 -5.05
CA PHE A 58 2.03 25.51 -4.76
C PHE A 58 1.32 26.82 -5.02
N LEU A 59 0.11 26.70 -5.55
CA LEU A 59 -0.81 27.80 -5.90
C LEU A 59 -2.16 27.52 -5.25
N VAL A 60 -2.56 28.35 -4.29
CA VAL A 60 -3.78 28.14 -3.47
C VAL A 60 -4.76 29.29 -3.74
N GLY A 61 -5.99 28.92 -4.14
CA GLY A 61 -7.11 29.86 -4.25
C GLY A 61 -7.23 30.44 -5.65
N PRO A 62 -8.38 31.10 -5.92
CA PRO A 62 -8.77 31.46 -7.28
C PRO A 62 -7.75 32.33 -8.02
N ASP A 63 -7.19 33.34 -7.34
CA ASP A 63 -6.20 34.26 -7.96
C ASP A 63 -5.00 33.43 -8.44
N ALA A 64 -4.44 32.63 -7.54
CA ALA A 64 -3.19 31.86 -7.79
C ALA A 64 -3.46 30.73 -8.80
N HIS A 65 -4.72 30.31 -8.94
CA HIS A 65 -5.12 29.26 -9.91
C HIS A 65 -4.89 29.76 -11.33
N VAL A 66 -5.00 31.07 -11.56
CA VAL A 66 -5.08 31.64 -12.95
C VAL A 66 -3.88 31.16 -13.75
N PRO A 67 -2.62 31.36 -13.29
CA PRO A 67 -1.46 30.95 -14.08
C PRO A 67 -1.49 29.45 -14.41
N PHE A 68 -2.05 28.65 -13.50
CA PHE A 68 -2.10 27.18 -13.64
C PHE A 68 -3.11 26.77 -14.72
N PHE A 69 -4.36 27.22 -14.60
CA PHE A 69 -5.47 26.72 -15.47
C PHE A 69 -5.57 27.54 -16.77
N SER A 70 -5.07 28.77 -16.81
CA SER A 70 -5.29 29.67 -17.98
C SER A 70 -4.18 29.48 -19.00
N GLN A 71 -3.03 28.93 -18.59
CA GLN A 71 -1.90 28.72 -19.52
C GLN A 71 -2.09 27.38 -20.23
N GLY A 72 -1.36 27.18 -21.32
CA GLY A 72 -1.53 26.01 -22.20
C GLY A 72 -0.26 25.17 -22.29
N ASP A 73 -0.24 24.25 -23.26
CA ASP A 73 0.75 23.14 -23.35
C ASP A 73 2.15 23.70 -23.61
N ALA A 74 2.23 24.93 -24.15
CA ALA A 74 3.51 25.57 -24.52
C ALA A 74 4.19 26.10 -23.26
N GLU A 75 3.40 26.36 -22.21
CA GLU A 75 3.84 27.05 -20.96
C GLU A 75 3.95 26.05 -19.81
N LEU A 76 2.98 25.11 -19.74
CA LEU A 76 2.84 24.10 -18.66
C LEU A 76 2.68 22.71 -19.29
N SER A 77 3.51 21.76 -18.87
CA SER A 77 3.59 20.40 -19.46
C SER A 77 2.94 19.37 -18.52
N GLN A 78 2.13 18.46 -19.07
CA GLN A 78 1.60 17.30 -18.31
C GLN A 78 2.54 16.09 -18.44
N ASP A 79 3.55 16.16 -19.30
CA ASP A 79 4.31 14.96 -19.74
C ASP A 79 5.03 14.32 -18.55
N GLU A 80 5.71 15.11 -17.74
CA GLU A 80 6.51 14.56 -16.61
C GLU A 80 5.56 14.06 -15.53
N PRO A 81 4.54 14.85 -15.11
CA PRO A 81 3.60 14.39 -14.08
C PRO A 81 2.90 13.08 -14.46
N TYR A 82 2.63 12.85 -15.75
CA TYR A 82 1.80 11.69 -16.19
C TYR A 82 2.66 10.60 -16.81
N GLN A 83 3.98 10.66 -16.60
CA GLN A 83 4.89 9.63 -17.18
C GLN A 83 4.54 8.24 -16.64
N PHE A 84 4.16 8.14 -15.36
CA PHE A 84 3.69 6.87 -14.72
C PHE A 84 2.70 6.15 -15.65
N SER A 85 1.85 6.88 -16.37
CA SER A 85 0.69 6.32 -17.10
C SER A 85 1.13 5.67 -18.42
N VAL A 86 2.35 5.96 -18.92
CA VAL A 86 2.68 5.62 -20.34
C VAL A 86 2.72 4.10 -20.52
N PRO A 87 3.38 3.33 -19.64
CA PRO A 87 3.36 1.88 -19.73
C PRO A 87 2.04 1.23 -19.27
N ILE A 88 1.14 1.99 -18.64
CA ILE A 88 -0.24 1.50 -18.31
C ILE A 88 -1.13 1.61 -19.55
N PHE A 89 -1.17 2.78 -20.20
CA PHE A 89 -2.11 3.07 -21.32
C PHE A 89 -1.53 2.47 -22.61
N GLY A 90 -0.20 2.44 -22.71
CA GLY A 90 0.52 1.81 -23.83
C GLY A 90 1.15 2.84 -24.77
N PRO A 91 1.87 2.35 -25.80
CA PRO A 91 2.72 3.20 -26.62
C PRO A 91 1.88 4.14 -27.51
N ASN A 92 2.29 5.42 -27.53
CA ASN A 92 1.72 6.47 -28.40
C ASN A 92 0.29 6.78 -27.98
N VAL A 93 -0.05 6.51 -26.72
CA VAL A 93 -1.42 6.80 -26.16
C VAL A 93 -1.33 7.99 -25.21
N VAL A 94 -2.18 8.99 -25.43
CA VAL A 94 -2.35 10.21 -24.61
C VAL A 94 -0.97 10.74 -24.20
N TYR A 95 -0.57 10.63 -22.92
CA TYR A 95 0.66 11.30 -22.40
C TYR A 95 1.90 10.55 -22.91
N GLY A 96 1.71 9.46 -23.64
CA GLY A 96 2.79 8.78 -24.38
C GLY A 96 2.87 9.21 -25.84
N ALA A 97 1.94 10.05 -26.30
CA ALA A 97 1.90 10.56 -27.70
C ALA A 97 2.54 11.96 -27.74
N ASP A 98 2.99 12.39 -28.92
CA ASP A 98 3.37 13.80 -29.17
C ASP A 98 2.09 14.65 -29.18
N LEU A 99 2.23 15.96 -28.98
CA LEU A 99 1.08 16.89 -28.80
C LEU A 99 0.14 16.75 -30.00
N ALA A 100 0.69 16.63 -31.21
CA ALA A 100 -0.12 16.64 -32.47
C ALA A 100 -1.14 15.50 -32.40
N HIS A 101 -0.69 14.30 -32.03
CA HIS A 101 -1.55 13.09 -31.88
C HIS A 101 -2.33 13.17 -30.57
N ARG A 102 -1.70 13.61 -29.48
CA ARG A 102 -2.37 13.69 -28.16
C ARG A 102 -3.64 14.50 -28.30
N ASN A 103 -3.55 15.71 -28.87
CA ASN A 103 -4.67 16.68 -28.98
C ASN A 103 -5.81 16.06 -29.77
N GLN A 104 -5.48 15.27 -30.79
CA GLN A 104 -6.47 14.61 -31.66
C GLN A 104 -7.16 13.51 -30.86
N GLN A 105 -6.39 12.76 -30.07
CA GLN A 105 -6.92 11.69 -29.19
C GLN A 105 -7.86 12.27 -28.14
N LEU A 106 -7.53 13.44 -27.56
CA LEU A 106 -8.39 14.12 -26.56
C LEU A 106 -9.70 14.57 -27.24
N LYS A 107 -9.66 14.95 -28.53
CA LYS A 107 -10.86 15.27 -29.32
C LYS A 107 -11.74 14.02 -29.50
N PHE A 108 -11.13 12.86 -29.77
CA PHE A 108 -11.87 11.58 -29.92
C PHE A 108 -12.57 11.23 -28.60
N ILE A 109 -11.86 11.41 -27.48
CA ILE A 109 -12.42 11.18 -26.11
C ILE A 109 -13.57 12.16 -25.87
N ALA A 110 -13.39 13.44 -26.19
CA ALA A 110 -14.45 14.48 -26.05
C ALA A 110 -15.72 14.01 -26.79
N ALA A 111 -15.55 13.45 -27.99
CA ALA A 111 -16.64 12.98 -28.87
C ALA A 111 -17.37 11.80 -28.22
N SER A 112 -16.61 10.89 -27.61
CA SER A 112 -17.17 9.69 -26.92
C SER A 112 -17.92 10.08 -25.63
N LEU A 113 -17.69 11.29 -25.10
CA LEU A 113 -18.29 11.75 -23.83
C LEU A 113 -19.15 13.00 -24.05
N SER A 114 -19.47 13.30 -25.31
CA SER A 114 -20.28 14.49 -25.68
C SER A 114 -21.69 14.34 -25.09
N THR A 115 -22.47 15.42 -25.13
CA THR A 115 -23.92 15.38 -24.79
C THR A 115 -24.61 14.27 -25.59
N LYS A 116 -24.38 14.23 -26.90
CA LYS A 116 -25.08 13.27 -27.81
C LYS A 116 -24.80 11.84 -27.32
N ALA A 117 -23.53 11.51 -27.06
CA ALA A 117 -23.08 10.18 -26.59
C ALA A 117 -23.77 9.84 -25.25
N LEU A 118 -23.79 10.79 -24.31
CA LEU A 118 -24.39 10.60 -22.97
C LEU A 118 -25.88 10.28 -23.11
N GLN A 119 -26.60 11.00 -23.99
CA GLN A 119 -28.03 10.75 -24.28
C GLN A 119 -28.23 9.26 -24.53
N SER A 120 -27.33 8.63 -25.28
CA SER A 120 -27.40 7.18 -25.61
C SER A 120 -26.94 6.30 -24.43
N TYR A 121 -25.96 6.74 -23.64
CA TYR A 121 -25.43 5.94 -22.50
C TYR A 121 -26.46 5.87 -21.37
N VAL A 122 -27.26 6.91 -21.18
CA VAL A 122 -28.02 7.09 -19.91
C VAL A 122 -28.93 5.88 -19.68
N PRO A 123 -29.66 5.38 -20.71
CA PRO A 123 -30.50 4.20 -20.53
C PRO A 123 -29.68 2.97 -20.08
N LEU A 124 -28.42 2.88 -20.51
CA LEU A 124 -27.52 1.75 -20.18
C LEU A 124 -27.06 1.89 -18.73
N ILE A 125 -26.64 3.09 -18.32
CA ILE A 125 -26.30 3.42 -16.90
C ILE A 125 -27.49 3.06 -16.01
N VAL A 126 -28.69 3.53 -16.37
CA VAL A 126 -29.92 3.39 -15.53
C VAL A 126 -30.25 1.91 -15.38
N LYS A 127 -30.14 1.13 -16.44
CA LYS A 127 -30.52 -0.30 -16.41
C LYS A 127 -29.53 -1.05 -15.51
N GLU A 128 -28.22 -0.79 -15.63
CA GLU A 128 -27.19 -1.47 -14.80
C GLU A 128 -27.46 -1.19 -13.32
N ALA A 129 -27.76 0.07 -12.96
CA ALA A 129 -27.98 0.49 -11.56
C ALA A 129 -29.23 -0.22 -11.02
N GLU A 130 -30.33 -0.16 -11.78
CA GLU A 130 -31.65 -0.68 -11.33
C GLU A 130 -31.52 -2.18 -11.05
N ASP A 131 -30.94 -2.93 -12.00
CA ASP A 131 -30.69 -4.39 -11.87
C ASP A 131 -29.79 -4.64 -10.66
N PHE A 132 -28.73 -3.86 -10.51
CA PHE A 132 -27.72 -4.05 -9.45
C PHE A 132 -28.41 -4.00 -8.07
N PHE A 133 -29.19 -2.95 -7.82
CA PHE A 133 -29.80 -2.71 -6.47
C PHE A 133 -31.02 -3.61 -6.28
N ALA A 134 -31.56 -4.17 -7.37
CA ALA A 134 -32.76 -5.03 -7.33
C ALA A 134 -32.35 -6.39 -6.76
N LYS A 135 -31.05 -6.68 -6.75
CA LYS A 135 -30.48 -7.95 -6.24
C LYS A 135 -30.23 -7.87 -4.74
N TRP A 136 -30.35 -6.68 -4.14
CA TRP A 136 -30.12 -6.50 -2.68
C TRP A 136 -31.24 -7.19 -1.88
N ASP A 137 -30.89 -7.66 -0.68
CA ASP A 137 -31.81 -8.24 0.33
C ASP A 137 -32.85 -7.20 0.75
N LYS A 138 -33.82 -7.60 1.57
CA LYS A 138 -34.86 -6.67 2.06
C LYS A 138 -34.23 -5.68 3.04
N SER A 139 -33.24 -6.12 3.80
CA SER A 139 -32.51 -5.23 4.74
C SER A 139 -31.10 -5.77 4.89
N GLY A 140 -30.15 -4.91 5.22
CA GLY A 140 -28.78 -5.36 5.53
C GLY A 140 -27.81 -4.22 5.69
N THR A 141 -26.54 -4.57 5.75
CA THR A 141 -25.41 -3.63 5.86
C THR A 141 -24.47 -3.86 4.67
N VAL A 142 -24.01 -2.78 4.04
CA VAL A 142 -23.20 -2.86 2.80
C VAL A 142 -22.00 -1.93 2.94
N ASP A 143 -20.84 -2.37 2.43
CA ASP A 143 -19.68 -1.45 2.21
C ASP A 143 -19.96 -0.68 0.92
N ILE A 144 -20.42 0.56 1.05
CA ILE A 144 -20.92 1.33 -0.13
C ILE A 144 -19.76 1.54 -1.10
N ARG A 145 -18.53 1.59 -0.61
CA ARG A 145 -17.39 1.83 -1.52
C ARG A 145 -17.15 0.57 -2.38
N ASP A 146 -17.20 -0.61 -1.78
CA ASP A 146 -17.07 -1.90 -2.53
C ASP A 146 -18.22 -2.05 -3.51
N ALA A 147 -19.46 -1.80 -3.10
CA ALA A 147 -20.65 -1.96 -3.97
C ALA A 147 -20.54 -1.01 -5.17
N LEU A 148 -20.30 0.28 -4.94
CA LEU A 148 -20.30 1.28 -6.04
C LEU A 148 -19.11 1.03 -6.98
N ALA A 149 -17.96 0.56 -6.49
CA ALA A 149 -16.82 0.17 -7.35
C ALA A 149 -17.26 -0.96 -8.28
N GLU A 150 -18.02 -1.94 -7.77
CA GLU A 150 -18.56 -3.06 -8.58
C GLU A 150 -19.50 -2.50 -9.66
N LEU A 151 -20.47 -1.67 -9.28
CA LEU A 151 -21.48 -1.16 -10.25
C LEU A 151 -20.75 -0.33 -11.30
N ILE A 152 -19.77 0.48 -10.89
CA ILE A 152 -19.18 1.53 -11.79
C ILE A 152 -18.27 0.84 -12.83
N ILE A 153 -17.64 -0.29 -12.49
CA ILE A 153 -16.84 -1.06 -13.49
C ILE A 153 -17.79 -1.86 -14.42
N LEU A 154 -18.91 -2.37 -13.92
CA LEU A 154 -19.95 -3.00 -14.78
C LEU A 154 -20.44 -1.98 -15.80
N THR A 155 -20.78 -0.77 -15.33
CA THR A 155 -21.43 0.27 -16.16
C THR A 155 -20.44 0.71 -17.24
N ALA A 156 -19.16 0.86 -16.87
CA ALA A 156 -18.11 1.36 -17.79
C ALA A 156 -17.80 0.28 -18.83
N SER A 157 -17.78 -0.98 -18.44
CA SER A 157 -17.58 -2.12 -19.38
C SER A 157 -18.63 -2.04 -20.50
N ARG A 158 -19.87 -1.65 -20.16
CA ARG A 158 -20.96 -1.52 -21.17
C ARG A 158 -20.71 -0.27 -22.03
N CYS A 159 -20.66 0.92 -21.40
CA CYS A 159 -20.68 2.23 -22.11
C CYS A 159 -19.37 2.46 -22.87
N LEU A 160 -18.23 2.11 -22.27
CA LEU A 160 -16.91 2.32 -22.92
C LEU A 160 -16.64 1.17 -23.91
N MET A 161 -16.84 -0.07 -23.47
CA MET A 161 -16.21 -1.23 -24.14
C MET A 161 -17.22 -1.94 -25.04
N GLY A 162 -18.52 -1.77 -24.76
CA GLY A 162 -19.61 -2.25 -25.63
C GLY A 162 -20.21 -3.56 -25.14
N LYS A 163 -21.27 -3.99 -25.81
CA LYS A 163 -22.20 -5.06 -25.35
C LYS A 163 -21.48 -6.41 -25.39
N GLU A 164 -20.62 -6.62 -26.40
CA GLU A 164 -19.88 -7.90 -26.57
C GLU A 164 -19.08 -8.19 -25.30
N ILE A 165 -18.28 -7.22 -24.85
CA ILE A 165 -17.39 -7.37 -23.67
C ILE A 165 -18.23 -7.41 -22.39
N ARG A 166 -19.23 -6.53 -22.25
CA ARG A 166 -20.08 -6.48 -21.03
C ARG A 166 -20.71 -7.87 -20.82
N GLU A 167 -21.21 -8.47 -21.90
CA GLU A 167 -22.17 -9.60 -21.81
C GLU A 167 -21.42 -10.93 -21.85
N ASN A 168 -20.18 -10.92 -22.35
CA ASN A 168 -19.44 -12.19 -22.60
C ASN A 168 -18.12 -12.25 -21.84
N LEU A 169 -17.45 -11.11 -21.62
CA LEU A 169 -16.04 -11.12 -21.17
C LEU A 169 -15.83 -10.23 -19.95
N PHE A 170 -16.90 -9.87 -19.24
CA PHE A 170 -16.81 -8.87 -18.14
C PHE A 170 -15.74 -9.35 -17.17
N THR A 171 -15.81 -10.61 -16.75
CA THR A 171 -14.96 -11.10 -15.64
C THR A 171 -13.50 -11.04 -16.09
N GLU A 172 -13.26 -11.44 -17.33
CA GLU A 172 -11.92 -11.41 -17.98
C GLU A 172 -11.39 -9.97 -18.01
N VAL A 173 -12.19 -9.02 -18.51
CA VAL A 173 -11.71 -7.62 -18.71
C VAL A 173 -11.52 -6.94 -17.34
N ALA A 174 -12.36 -7.27 -16.34
CA ALA A 174 -12.30 -6.68 -14.99
C ALA A 174 -11.02 -7.16 -14.30
N LYS A 175 -10.61 -8.39 -14.58
CA LYS A 175 -9.39 -8.99 -13.99
C LYS A 175 -8.14 -8.32 -14.60
N LEU A 176 -8.16 -8.10 -15.92
CA LEU A 176 -7.03 -7.40 -16.61
C LEU A 176 -6.86 -6.01 -16.00
N TYR A 177 -7.97 -5.26 -15.87
CA TYR A 177 -7.98 -3.90 -15.27
C TYR A 177 -7.43 -3.99 -13.84
N GLN A 178 -7.89 -4.97 -13.06
CA GLN A 178 -7.43 -5.13 -11.66
C GLN A 178 -5.90 -5.26 -11.66
N THR A 179 -5.33 -5.95 -12.63
CA THR A 179 -3.87 -6.20 -12.69
C THR A 179 -3.13 -4.91 -13.07
N LEU A 180 -3.73 -4.06 -13.92
CA LEU A 180 -3.14 -2.75 -14.27
C LEU A 180 -3.18 -1.86 -13.02
N ASP A 181 -4.29 -1.89 -12.30
CA ASP A 181 -4.49 -1.12 -11.04
C ASP A 181 -3.41 -1.53 -10.04
N GLU A 182 -3.16 -2.84 -9.92
CA GLU A 182 -2.19 -3.41 -8.94
C GLU A 182 -0.75 -3.12 -9.39
N GLY A 183 -0.55 -2.76 -10.66
CA GLY A 183 0.77 -2.43 -11.21
C GLY A 183 1.23 -1.02 -10.84
N LEU A 184 0.30 -0.13 -10.49
CA LEU A 184 0.59 1.29 -10.15
C LEU A 184 0.94 1.35 -8.66
N LEU A 185 2.23 1.33 -8.36
CA LEU A 185 2.75 1.42 -6.97
C LEU A 185 3.33 2.81 -6.76
N PRO A 186 3.69 3.17 -5.52
CA PRO A 186 4.42 4.41 -5.27
C PRO A 186 5.69 4.51 -6.12
N ILE A 187 6.46 3.42 -6.20
CA ILE A 187 7.76 3.40 -6.95
C ILE A 187 7.49 3.65 -8.44
N SER A 188 6.31 3.25 -8.93
CA SER A 188 5.87 3.38 -10.34
C SER A 188 5.88 4.82 -10.82
N VAL A 189 5.69 5.82 -9.95
CA VAL A 189 5.57 7.23 -10.43
C VAL A 189 6.97 7.83 -10.58
N PHE A 190 7.98 7.23 -9.94
CA PHE A 190 9.40 7.64 -10.07
C PHE A 190 10.05 6.86 -11.22
N PHE A 191 9.78 5.56 -11.29
CA PHE A 191 10.44 4.65 -12.27
C PHE A 191 9.38 3.80 -12.97
N PRO A 192 8.65 4.35 -13.96
CA PRO A 192 7.53 3.64 -14.55
C PRO A 192 7.98 2.34 -15.23
N TYR A 193 9.25 2.25 -15.63
CA TYR A 193 9.79 1.13 -16.43
C TYR A 193 10.66 0.22 -15.55
N LEU A 194 10.64 0.43 -14.23
CA LEU A 194 11.42 -0.43 -13.29
C LEU A 194 11.00 -1.88 -13.50
N PRO A 195 11.95 -2.82 -13.75
CA PRO A 195 11.58 -4.21 -14.04
C PRO A 195 11.29 -5.03 -12.77
N ILE A 196 10.13 -4.78 -12.15
CA ILE A 196 9.66 -5.49 -10.93
C ILE A 196 8.52 -6.41 -11.33
N PRO A 197 8.15 -7.40 -10.51
CA PRO A 197 7.04 -8.29 -10.83
C PRO A 197 5.72 -7.55 -11.13
N ALA A 198 5.33 -6.55 -10.33
CA ALA A 198 4.03 -5.85 -10.54
C ALA A 198 4.01 -5.23 -11.95
N HIS A 199 5.14 -4.72 -12.43
CA HIS A 199 5.25 -4.03 -13.75
C HIS A 199 5.24 -5.07 -14.88
N LYS A 200 5.80 -6.26 -14.65
CA LYS A 200 5.75 -7.35 -15.65
C LYS A 200 4.31 -7.82 -15.81
N ARG A 201 3.61 -8.01 -14.70
CA ARG A 201 2.16 -8.39 -14.72
C ARG A 201 1.36 -7.31 -15.44
N ARG A 202 1.61 -6.03 -15.12
CA ARG A 202 0.97 -4.88 -15.83
C ARG A 202 1.15 -5.04 -17.35
N ASP A 203 2.40 -5.23 -17.81
CA ASP A 203 2.77 -5.21 -19.24
C ASP A 203 2.06 -6.37 -19.97
N GLU A 204 2.00 -7.53 -19.33
CA GLU A 204 1.28 -8.72 -19.83
C GLU A 204 -0.23 -8.47 -19.86
N ALA A 205 -0.80 -7.88 -18.80
CA ALA A 205 -2.26 -7.59 -18.75
C ALA A 205 -2.64 -6.62 -19.89
N ARG A 206 -1.82 -5.59 -20.15
CA ARG A 206 -2.16 -4.61 -21.23
C ARG A 206 -2.18 -5.34 -22.57
N LEU A 207 -1.19 -6.19 -22.86
CA LEU A 207 -1.11 -6.92 -24.16
C LEU A 207 -2.31 -7.85 -24.31
N ALA A 208 -2.71 -8.48 -23.21
CA ALA A 208 -3.88 -9.38 -23.12
C ALA A 208 -5.15 -8.60 -23.44
N MET A 209 -5.30 -7.39 -22.90
CA MET A 209 -6.47 -6.55 -23.20
C MET A 209 -6.47 -6.19 -24.69
N VAL A 210 -5.32 -5.81 -25.25
CA VAL A 210 -5.22 -5.46 -26.69
C VAL A 210 -5.68 -6.65 -27.53
N ARG A 211 -5.25 -7.87 -27.16
CA ARG A 211 -5.64 -9.11 -27.88
C ARG A 211 -7.16 -9.29 -27.81
N MET A 212 -7.77 -8.95 -26.68
CA MET A 212 -9.23 -9.08 -26.46
C MET A 212 -9.96 -8.07 -27.35
N PHE A 213 -9.50 -6.82 -27.43
CA PHE A 213 -10.21 -5.76 -28.20
C PHE A 213 -10.01 -6.01 -29.70
N LYS A 214 -8.89 -6.60 -30.08
CA LYS A 214 -8.59 -6.91 -31.50
C LYS A 214 -9.66 -7.84 -32.06
N LYS A 215 -10.10 -8.83 -31.29
CA LYS A 215 -11.19 -9.76 -31.68
C LYS A 215 -12.50 -8.99 -31.87
N ILE A 216 -12.89 -8.11 -30.93
CA ILE A 216 -14.19 -7.39 -31.02
C ILE A 216 -14.14 -6.48 -32.26
N ILE A 217 -13.04 -5.73 -32.41
CA ILE A 217 -12.84 -4.72 -33.49
C ILE A 217 -12.91 -5.41 -34.86
N ASP A 218 -12.13 -6.48 -35.04
CA ASP A 218 -12.09 -7.27 -36.30
C ASP A 218 -13.50 -7.75 -36.65
N GLU A 219 -14.24 -8.23 -35.66
CA GLU A 219 -15.61 -8.77 -35.88
C GLU A 219 -16.57 -7.61 -36.22
N ARG A 220 -16.39 -6.44 -35.61
CA ARG A 220 -17.30 -5.29 -35.89
C ARG A 220 -17.08 -4.83 -37.33
N ARG A 221 -15.83 -4.81 -37.80
CA ARG A 221 -15.46 -4.30 -39.14
C ARG A 221 -15.92 -5.28 -40.22
N ALA A 222 -16.10 -6.54 -39.84
CA ALA A 222 -16.64 -7.61 -40.70
C ALA A 222 -18.18 -7.56 -40.72
N ASN A 223 -18.79 -6.66 -39.95
CA ASN A 223 -20.25 -6.42 -39.97
C ASN A 223 -20.54 -4.92 -39.85
N PRO A 224 -20.05 -4.11 -40.81
CA PRO A 224 -20.03 -2.65 -40.64
C PRO A 224 -21.41 -1.98 -40.70
N GLU A 225 -22.48 -2.75 -40.95
CA GLU A 225 -23.89 -2.25 -40.91
C GLU A 225 -24.39 -2.23 -39.47
N VAL A 226 -23.84 -3.10 -38.62
CA VAL A 226 -24.21 -3.23 -37.19
C VAL A 226 -23.66 -2.02 -36.43
N LYS A 227 -24.55 -1.12 -35.98
CA LYS A 227 -24.20 0.10 -35.22
C LYS A 227 -24.12 -0.24 -33.73
N HIS A 228 -23.28 0.47 -32.98
CA HIS A 228 -23.01 0.22 -31.54
C HIS A 228 -23.02 1.55 -30.79
N ASN A 229 -23.74 1.63 -29.66
CA ASN A 229 -23.75 2.81 -28.76
C ASN A 229 -22.70 2.61 -27.68
N ASP A 230 -21.43 2.87 -27.99
CA ASP A 230 -20.30 2.76 -27.03
C ASP A 230 -19.14 3.66 -27.47
N CYS A 231 -18.20 3.90 -26.55
CA CYS A 231 -16.96 4.68 -26.81
C CYS A 231 -16.10 3.94 -27.85
N LEU A 232 -16.12 2.60 -27.83
CA LEU A 232 -15.32 1.77 -28.77
C LEU A 232 -15.66 2.14 -30.22
N GLN A 233 -16.95 2.36 -30.53
CA GLN A 233 -17.39 2.70 -31.91
C GLN A 233 -16.79 4.05 -32.31
N VAL A 234 -16.85 5.05 -31.42
CA VAL A 234 -16.29 6.40 -31.67
C VAL A 234 -14.80 6.27 -31.98
N PHE A 235 -14.08 5.42 -31.25
CA PHE A 235 -12.62 5.23 -31.39
C PHE A 235 -12.30 4.45 -32.67
N MET A 236 -13.17 3.53 -33.08
CA MET A 236 -13.02 2.76 -34.35
C MET A 236 -13.28 3.66 -35.57
N ASP A 237 -14.17 4.65 -35.44
CA ASP A 237 -14.53 5.58 -36.54
C ASP A 237 -13.52 6.73 -36.61
N ALA A 238 -12.69 6.90 -35.58
CA ALA A 238 -11.82 8.08 -35.37
C ALA A 238 -10.77 8.14 -36.48
N ARG A 239 -10.43 9.33 -36.97
CA ARG A 239 -9.36 9.49 -37.99
C ARG A 239 -8.39 10.61 -37.57
N TYR A 240 -7.08 10.32 -37.56
CA TYR A 240 -6.01 11.36 -37.52
C TYR A 240 -6.06 12.17 -38.82
N ARG A 241 -5.92 13.49 -38.72
CA ARG A 241 -6.02 14.38 -39.91
C ARG A 241 -4.91 14.01 -40.89
N GLY A 242 -5.26 13.85 -42.18
CA GLY A 242 -4.34 13.44 -43.26
C GLY A 242 -3.89 11.99 -43.10
N GLU A 243 -4.74 11.13 -42.54
CA GLU A 243 -4.49 9.66 -42.47
C GLU A 243 -5.81 8.91 -42.65
N GLU A 244 -5.84 7.97 -43.59
CA GLU A 244 -7.03 7.15 -43.93
C GLU A 244 -7.09 5.92 -43.02
N GLN A 245 -5.93 5.42 -42.58
CA GLN A 245 -5.84 4.25 -41.67
C GLN A 245 -6.34 4.64 -40.29
N ALA A 246 -7.25 3.83 -39.73
CA ALA A 246 -7.87 4.03 -38.41
C ALA A 246 -6.81 3.87 -37.32
N LEU A 247 -7.13 4.20 -36.07
CA LEU A 247 -6.24 3.89 -34.91
C LEU A 247 -5.98 2.38 -34.91
N ASN A 248 -4.75 1.96 -34.60
CA ASN A 248 -4.43 0.52 -34.41
C ASN A 248 -5.05 0.04 -33.09
N ASP A 249 -5.04 -1.27 -32.85
CA ASP A 249 -5.77 -1.91 -31.72
C ASP A 249 -5.18 -1.41 -30.40
N GLU A 250 -3.85 -1.26 -30.34
CA GLU A 250 -3.11 -0.81 -29.14
C GLU A 250 -3.60 0.56 -28.72
N GLU A 251 -3.82 1.47 -29.68
CA GLU A 251 -4.25 2.86 -29.42
C GLU A 251 -5.70 2.85 -28.94
N ILE A 252 -6.57 2.08 -29.61
CA ILE A 252 -8.02 2.01 -29.24
C ILE A 252 -8.12 1.43 -27.83
N THR A 253 -7.33 0.38 -27.56
CA THR A 253 -7.32 -0.27 -26.23
C THR A 253 -6.77 0.71 -25.19
N GLY A 254 -5.73 1.47 -25.55
CA GLY A 254 -5.09 2.44 -24.64
C GLY A 254 -6.06 3.53 -24.23
N LEU A 255 -6.91 3.98 -25.15
CA LEU A 255 -7.90 5.05 -24.88
C LEU A 255 -8.94 4.52 -23.87
N MET A 256 -9.31 3.24 -23.97
CA MET A 256 -10.23 2.56 -23.00
C MET A 256 -9.60 2.58 -21.61
N ILE A 257 -8.37 2.07 -21.52
CA ILE A 257 -7.64 1.95 -20.22
C ILE A 257 -7.52 3.34 -19.61
N ALA A 258 -7.19 4.35 -20.42
CA ALA A 258 -7.08 5.76 -19.98
C ALA A 258 -8.39 6.17 -19.29
N LEU A 259 -9.54 5.87 -19.89
CA LEU A 259 -10.87 6.28 -19.35
C LEU A 259 -11.21 5.46 -18.09
N LEU A 260 -10.76 4.21 -18.02
CA LEU A 260 -10.91 3.40 -16.77
C LEU A 260 -10.12 4.07 -15.65
N PHE A 261 -8.87 4.44 -15.92
CA PHE A 261 -8.02 5.11 -14.90
C PHE A 261 -8.60 6.48 -14.56
N ALA A 262 -9.13 7.23 -15.53
CA ALA A 262 -9.70 8.58 -15.27
C ALA A 262 -10.96 8.44 -14.41
N GLY A 263 -11.76 7.39 -14.63
CA GLY A 263 -13.21 7.40 -14.38
C GLY A 263 -13.66 6.45 -13.27
N GLN A 264 -12.88 5.43 -12.93
CA GLN A 264 -13.37 4.34 -12.05
C GLN A 264 -13.31 4.76 -10.59
N HIS A 265 -12.12 4.90 -10.04
CA HIS A 265 -11.94 5.17 -8.58
C HIS A 265 -12.43 6.57 -8.24
N THR A 266 -12.19 7.55 -9.10
CA THR A 266 -12.70 8.93 -8.90
C THR A 266 -14.21 8.87 -8.68
N SER A 267 -14.95 8.22 -9.57
CA SER A 267 -16.44 8.22 -9.57
C SER A 267 -16.94 7.38 -8.38
N SER A 268 -16.32 6.25 -8.12
CA SER A 268 -16.77 5.34 -7.04
C SER A 268 -16.48 5.96 -5.65
N VAL A 269 -15.39 6.70 -5.49
CA VAL A 269 -15.09 7.36 -4.19
C VAL A 269 -16.06 8.54 -4.00
N THR A 270 -16.28 9.33 -5.04
CA THR A 270 -17.23 10.48 -5.01
C THR A 270 -18.66 9.97 -4.80
N GLY A 271 -19.06 8.92 -5.50
CA GLY A 271 -20.36 8.25 -5.26
C GLY A 271 -20.52 7.82 -3.80
N SER A 272 -19.45 7.32 -3.20
CA SER A 272 -19.44 6.77 -1.82
C SER A 272 -19.57 7.91 -0.80
N TRP A 273 -18.74 8.95 -0.91
CA TRP A 273 -18.81 10.13 -0.02
C TRP A 273 -20.20 10.76 -0.12
N THR A 274 -20.78 10.81 -1.32
CA THR A 274 -22.13 11.44 -1.50
C THR A 274 -23.08 10.83 -0.47
N GLY A 275 -23.07 9.49 -0.35
CA GLY A 275 -23.96 8.72 0.54
C GLY A 275 -23.54 8.80 1.99
N LEU A 276 -22.24 8.64 2.28
CA LEU A 276 -21.75 8.59 3.67
C LEU A 276 -22.04 9.93 4.34
N LEU A 277 -21.87 11.04 3.61
CA LEU A 277 -22.12 12.40 4.13
C LEU A 277 -23.63 12.63 4.28
N LEU A 278 -24.42 12.35 3.24
CA LEU A 278 -25.86 12.68 3.25
C LEU A 278 -26.59 11.84 4.31
N PHE A 279 -26.13 10.62 4.60
CA PHE A 279 -26.86 9.69 5.52
C PHE A 279 -26.18 9.64 6.89
N GLU A 280 -25.27 10.57 7.16
CA GLU A 280 -24.80 10.88 8.54
C GLU A 280 -25.95 11.59 9.30
N ALA A 281 -26.23 11.15 10.53
CA ALA A 281 -27.43 11.54 11.33
C ALA A 281 -27.75 13.03 11.16
N ASN A 282 -26.81 13.93 11.46
CA ASN A 282 -27.04 15.41 11.48
C ASN A 282 -27.28 15.90 10.05
N ASN A 283 -26.48 15.45 9.09
CA ASN A 283 -26.57 15.91 7.68
C ASN A 283 -27.90 15.42 7.11
N LYS A 284 -28.32 14.23 7.53
CA LYS A 284 -29.53 13.55 7.00
C LYS A 284 -30.78 14.34 7.42
N LYS A 285 -30.82 14.78 8.69
CA LYS A 285 -31.96 15.57 9.25
C LYS A 285 -32.10 16.87 8.45
N LYS A 286 -30.97 17.49 8.06
CA LYS A 286 -30.97 18.83 7.43
C LYS A 286 -31.25 18.73 5.94
N PHE A 287 -30.62 17.80 5.22
CA PHE A 287 -30.55 17.87 3.73
C PHE A 287 -31.36 16.75 3.07
N LEU A 288 -31.67 15.64 3.76
CA LEU A 288 -32.41 14.54 3.10
C LEU A 288 -33.81 15.00 2.70
N PRO A 289 -34.59 15.67 3.58
CA PRO A 289 -35.98 16.01 3.23
C PRO A 289 -36.06 16.71 1.87
N GLY A 290 -35.23 17.73 1.66
CA GLY A 290 -35.17 18.46 0.39
C GLY A 290 -34.90 17.52 -0.78
N VAL A 291 -34.00 16.57 -0.60
CA VAL A 291 -33.53 15.64 -1.68
C VAL A 291 -34.68 14.67 -2.01
N LEU A 292 -35.39 14.17 -0.99
CA LEU A 292 -36.56 13.26 -1.16
C LEU A 292 -37.73 14.02 -1.82
N GLU A 293 -38.00 15.23 -1.35
CA GLU A 293 -39.01 16.13 -1.98
C GLU A 293 -38.69 16.28 -3.47
N GLU A 294 -37.42 16.49 -3.82
CA GLU A 294 -37.02 16.73 -5.23
C GLU A 294 -37.34 15.49 -6.06
N GLN A 295 -37.10 14.30 -5.52
CA GLN A 295 -37.39 13.02 -6.21
C GLN A 295 -38.90 12.93 -6.48
N GLU A 296 -39.75 13.37 -5.53
CA GLU A 296 -41.23 13.34 -5.69
C GLU A 296 -41.63 14.33 -6.79
N GLU A 297 -41.14 15.57 -6.72
CA GLU A 297 -41.46 16.62 -7.73
C GLU A 297 -41.01 16.13 -9.11
N ILE A 298 -39.82 15.52 -9.19
CA ILE A 298 -39.28 14.95 -10.46
C ILE A 298 -40.25 13.86 -10.97
N ARG A 299 -40.70 12.98 -10.07
CA ARG A 299 -41.61 11.85 -10.46
C ARG A 299 -42.97 12.40 -10.93
N LYS A 300 -43.50 13.42 -10.25
CA LYS A 300 -44.79 14.05 -10.66
C LYS A 300 -44.65 14.64 -12.07
N GLU A 301 -43.52 15.29 -12.38
CA GLU A 301 -43.37 16.02 -13.65
C GLU A 301 -43.01 15.05 -14.79
N PHE A 302 -42.10 14.11 -14.56
CA PHE A 302 -41.52 13.29 -15.66
C PHE A 302 -42.01 11.84 -15.59
N GLY A 303 -42.59 11.42 -14.48
CA GLY A 303 -42.88 9.99 -14.24
C GLY A 303 -41.69 9.28 -13.64
N ASP A 304 -41.66 7.95 -13.72
CA ASP A 304 -40.66 7.15 -12.97
C ASP A 304 -39.42 6.88 -13.82
N GLU A 305 -39.47 7.04 -15.15
CA GLU A 305 -38.28 6.72 -15.97
C GLU A 305 -37.14 7.68 -15.59
N LEU A 306 -35.95 7.15 -15.31
CA LEU A 306 -34.76 7.99 -15.10
C LEU A 306 -34.19 8.38 -16.46
N THR A 307 -34.65 9.52 -16.97
CA THR A 307 -34.18 10.03 -18.28
C THR A 307 -33.03 11.00 -18.03
N MET A 308 -32.23 11.24 -19.06
CA MET A 308 -31.28 12.38 -19.10
C MET A 308 -31.96 13.64 -18.56
N GLU A 309 -33.16 13.94 -19.05
CA GLU A 309 -33.89 15.21 -18.78
C GLU A 309 -34.20 15.29 -17.28
N ALA A 310 -34.66 14.19 -16.68
CA ALA A 310 -35.07 14.14 -15.26
C ALA A 310 -33.84 14.21 -14.36
N LEU A 311 -32.80 13.45 -14.68
CA LEU A 311 -31.49 13.50 -13.96
C LEU A 311 -30.94 14.94 -13.98
N ASN A 312 -31.08 15.64 -15.11
CA ASN A 312 -30.56 17.03 -15.27
C ASN A 312 -31.36 18.02 -14.42
N LYS A 313 -32.50 17.61 -13.86
CA LYS A 313 -33.39 18.51 -13.08
C LYS A 313 -33.18 18.27 -11.59
N MET A 314 -32.39 17.26 -11.23
CA MET A 314 -32.12 16.91 -9.81
C MET A 314 -31.01 17.82 -9.24
N ASP A 315 -31.34 19.09 -8.98
CA ASP A 315 -30.36 20.14 -8.58
C ASP A 315 -29.87 19.86 -7.16
N LYS A 316 -30.76 19.47 -6.24
CA LYS A 316 -30.40 19.27 -4.81
C LYS A 316 -29.50 18.03 -4.68
N LEU A 317 -29.82 16.96 -5.43
CA LEU A 317 -28.97 15.74 -5.44
C LEU A 317 -27.63 16.10 -6.07
N HIS A 318 -27.65 16.83 -7.19
CA HIS A 318 -26.44 17.34 -7.88
C HIS A 318 -25.54 18.04 -6.87
N ARG A 319 -26.12 18.90 -6.02
CA ARG A 319 -25.35 19.74 -5.05
C ARG A 319 -24.81 18.86 -3.93
N CYS A 320 -25.50 17.78 -3.57
CA CYS A 320 -25.01 16.80 -2.56
C CYS A 320 -23.75 16.10 -3.10
N VAL A 321 -23.73 15.74 -4.37
CA VAL A 321 -22.54 15.14 -5.04
C VAL A 321 -21.40 16.18 -5.03
N LYS A 322 -21.68 17.39 -5.51
CA LYS A 322 -20.70 18.49 -5.64
C LYS A 322 -20.09 18.80 -4.27
N GLU A 323 -20.88 18.73 -3.19
CA GLU A 323 -20.40 19.08 -1.84
C GLU A 323 -19.56 17.92 -1.29
N ALA A 324 -19.85 16.66 -1.64
CA ALA A 324 -18.96 15.53 -1.31
C ALA A 324 -17.61 15.74 -2.01
N LEU A 325 -17.65 16.13 -3.28
CA LEU A 325 -16.46 16.37 -4.11
C LEU A 325 -15.68 17.58 -3.56
N ARG A 326 -16.37 18.66 -3.18
CA ARG A 326 -15.71 19.83 -2.55
C ARG A 326 -14.88 19.37 -1.35
N MET A 327 -15.47 18.57 -0.46
CA MET A 327 -14.89 18.31 0.88
C MET A 327 -13.86 17.18 0.80
N TYR A 328 -14.01 16.24 -0.14
CA TYR A 328 -13.12 15.06 -0.24
C TYR A 328 -12.76 14.76 -1.68
N PRO A 329 -12.04 15.67 -2.37
CA PRO A 329 -11.74 15.47 -3.79
C PRO A 329 -10.89 14.21 -3.91
N PRO A 330 -11.15 13.35 -4.90
CA PRO A 330 -10.37 12.13 -5.05
C PRO A 330 -8.91 12.32 -5.52
N LEU A 331 -8.62 13.40 -6.24
CA LEU A 331 -7.23 13.76 -6.60
C LEU A 331 -6.80 14.99 -5.79
N LEU A 332 -5.86 14.80 -4.86
CA LEU A 332 -5.45 15.86 -3.91
C LEU A 332 -4.66 16.94 -4.66
N PHE A 333 -3.92 16.54 -5.69
CA PHE A 333 -3.05 17.46 -6.49
C PHE A 333 -3.30 17.27 -7.99
N VAL A 334 -3.26 18.39 -8.71
CA VAL A 334 -2.93 18.41 -10.17
C VAL A 334 -1.66 19.22 -10.34
N MET A 335 -0.82 18.82 -11.30
CA MET A 335 0.55 19.37 -11.38
C MET A 335 1.02 19.46 -12.82
N ARG A 336 1.94 20.39 -13.04
CA ARG A 336 2.48 20.71 -14.38
C ARG A 336 3.96 20.98 -14.19
N LYS A 337 4.78 20.60 -15.18
CA LYS A 337 6.15 21.12 -15.26
C LYS A 337 6.13 22.47 -15.99
N VAL A 338 6.83 23.47 -15.45
CA VAL A 338 6.87 24.84 -16.03
C VAL A 338 7.90 24.83 -17.18
N ILE A 339 7.41 24.96 -18.40
CA ILE A 339 8.25 25.08 -19.63
C ILE A 339 8.73 26.53 -19.77
N LYS A 340 7.84 27.50 -19.55
CA LYS A 340 8.15 28.93 -19.73
C LYS A 340 7.96 29.63 -18.39
N PRO A 341 8.95 30.44 -17.92
CA PRO A 341 8.78 31.18 -16.68
C PRO A 341 7.57 32.10 -16.84
N PHE A 342 6.88 32.42 -15.75
CA PHE A 342 5.73 33.34 -15.77
C PHE A 342 5.76 34.19 -14.50
N SER A 343 5.02 35.30 -14.53
CA SER A 343 4.83 36.20 -13.37
C SER A 343 3.45 35.94 -12.77
N TYR A 344 3.39 35.95 -11.44
CA TYR A 344 2.12 36.01 -10.69
C TYR A 344 2.26 37.08 -9.61
N LYS A 345 1.57 38.21 -9.82
CA LYS A 345 1.69 39.42 -8.98
C LYS A 345 3.17 39.81 -8.89
N ASP A 346 3.72 39.85 -7.68
CA ASP A 346 5.11 40.34 -7.42
C ASP A 346 6.13 39.22 -7.70
N TYR A 347 5.65 38.03 -8.06
CA TYR A 347 6.53 36.83 -8.06
C TYR A 347 6.87 36.41 -9.48
N TYR A 348 7.94 35.61 -9.53
CA TYR A 348 8.47 34.95 -10.73
C TYR A 348 8.57 33.44 -10.44
N VAL A 349 8.02 32.63 -11.34
CA VAL A 349 8.11 31.14 -11.28
C VAL A 349 8.98 30.70 -12.44
N PRO A 350 10.15 30.12 -12.11
CA PRO A 350 11.17 29.81 -13.11
C PRO A 350 10.88 28.53 -13.90
N GLU A 351 11.41 28.49 -15.12
CA GLU A 351 11.52 27.24 -15.92
C GLU A 351 12.03 26.15 -14.99
N GLY A 352 11.43 24.97 -15.06
CA GLY A 352 11.90 23.77 -14.35
C GLY A 352 11.16 23.55 -13.04
N ASP A 353 10.46 24.56 -12.51
CA ASP A 353 9.57 24.35 -11.34
C ASP A 353 8.51 23.30 -11.70
N THR A 354 8.02 22.57 -10.70
CA THR A 354 6.72 21.84 -10.81
C THR A 354 5.68 22.63 -10.04
N VAL A 355 4.59 23.03 -10.71
CA VAL A 355 3.51 23.80 -10.03
C VAL A 355 2.36 22.85 -9.72
N PHE A 356 1.77 23.07 -8.55
CA PHE A 356 0.67 22.27 -7.98
C PHE A 356 -0.51 23.18 -7.71
N VAL A 357 -1.69 22.66 -8.00
CA VAL A 357 -2.97 23.09 -7.39
C VAL A 357 -3.51 21.89 -6.61
N SER A 358 -3.83 22.09 -5.35
CA SER A 358 -4.58 21.10 -4.53
C SER A 358 -6.05 21.49 -4.47
N PRO A 359 -6.94 20.77 -5.19
CA PRO A 359 -8.38 20.99 -5.05
C PRO A 359 -8.81 20.87 -3.59
N ALA A 360 -8.17 19.99 -2.83
CA ALA A 360 -8.43 19.78 -1.39
C ALA A 360 -8.18 21.08 -0.62
N LEU A 361 -6.95 21.61 -0.70
CA LEU A 361 -6.56 22.90 -0.08
C LEU A 361 -7.51 24.00 -0.58
N SER A 362 -7.54 24.20 -1.89
CA SER A 362 -8.16 25.40 -2.50
C SER A 362 -9.64 25.48 -2.12
N MET A 363 -10.29 24.34 -1.89
CA MET A 363 -11.75 24.30 -1.65
C MET A 363 -12.04 24.23 -0.14
N ARG A 364 -11.02 24.47 0.68
CA ARG A 364 -11.21 24.79 2.13
C ARG A 364 -10.78 26.23 2.45
N VAL A 365 -10.48 27.05 1.44
CA VAL A 365 -10.21 28.50 1.63
C VAL A 365 -11.52 29.18 2.09
N GLU A 366 -11.54 29.63 3.35
CA GLU A 366 -12.70 30.30 4.01
C GLU A 366 -13.24 31.45 3.15
N GLU A 367 -12.36 32.31 2.61
CA GLU A 367 -12.75 33.51 1.83
C GLU A 367 -13.60 33.07 0.64
N VAL A 368 -13.37 31.86 0.12
CA VAL A 368 -14.08 31.33 -1.08
C VAL A 368 -15.33 30.59 -0.62
N PHE A 369 -15.16 29.69 0.35
CA PHE A 369 -16.20 28.77 0.90
C PHE A 369 -16.32 28.98 2.40
N PRO A 370 -17.19 29.92 2.86
CA PRO A 370 -17.37 30.11 4.30
C PRO A 370 -17.80 28.82 4.99
N ASN A 371 -17.26 28.58 6.19
CA ASN A 371 -17.53 27.36 7.01
C ASN A 371 -17.16 26.13 6.18
N ALA A 372 -15.94 26.14 5.63
CA ALA A 372 -15.47 25.21 4.56
C ALA A 372 -15.48 23.78 5.10
N ASP A 373 -15.35 23.61 6.42
CA ASP A 373 -15.28 22.26 7.04
C ASP A 373 -16.68 21.74 7.38
N GLN A 374 -17.71 22.51 7.04
CA GLN A 374 -19.12 22.11 7.31
C GLN A 374 -19.75 21.59 6.01
N TYR A 375 -20.48 20.49 6.10
CA TYR A 375 -21.30 19.93 4.98
C TYR A 375 -22.52 20.82 4.75
N ASN A 376 -22.62 21.42 3.57
CA ASN A 376 -23.73 22.34 3.22
C ASN A 376 -23.90 22.39 1.71
N PRO A 377 -24.58 21.38 1.13
CA PRO A 377 -24.74 21.32 -0.32
C PRO A 377 -25.51 22.52 -0.88
N GLU A 378 -26.32 23.20 -0.06
CA GLU A 378 -27.13 24.37 -0.50
C GLU A 378 -26.22 25.61 -0.62
N ARG A 379 -24.97 25.54 -0.18
CA ARG A 379 -23.96 26.61 -0.43
C ARG A 379 -23.85 26.88 -1.94
N PHE A 380 -24.15 25.88 -2.78
CA PHE A 380 -23.90 25.97 -4.24
C PHE A 380 -25.03 26.76 -4.93
N VAL A 381 -26.15 27.02 -4.25
CA VAL A 381 -27.19 27.95 -4.79
C VAL A 381 -26.53 29.32 -5.00
N GLU A 382 -25.84 29.84 -3.99
CA GLU A 382 -25.13 31.14 -4.06
C GLU A 382 -23.84 31.00 -4.88
N GLU A 383 -23.02 29.99 -4.58
CA GLU A 383 -21.67 29.81 -5.19
C GLU A 383 -21.78 29.70 -6.71
N ASP A 384 -22.80 29.01 -7.22
CA ASP A 384 -22.98 28.79 -8.68
C ASP A 384 -23.24 30.12 -9.40
N LYS A 385 -23.60 31.19 -8.68
CA LYS A 385 -23.89 32.52 -9.26
C LYS A 385 -22.58 33.32 -9.41
N GLN A 386 -21.55 32.99 -8.61
CA GLN A 386 -20.24 33.70 -8.61
C GLN A 386 -19.61 33.65 -10.00
N ALA A 387 -19.06 34.77 -10.47
CA ALA A 387 -18.49 34.94 -11.83
C ALA A 387 -16.97 34.66 -11.81
N GLN A 388 -16.34 34.74 -10.64
CA GLN A 388 -14.88 34.54 -10.51
C GLN A 388 -14.52 33.10 -10.88
N LYS A 389 -13.61 32.89 -11.83
CA LYS A 389 -13.23 31.54 -12.33
C LYS A 389 -12.39 30.80 -11.29
N TYR A 390 -12.39 29.47 -11.39
CA TYR A 390 -11.46 28.55 -10.70
C TYR A 390 -11.65 28.63 -9.19
N ARG A 391 -12.89 28.75 -8.72
CA ARG A 391 -13.20 28.70 -7.27
C ARG A 391 -13.43 27.24 -6.87
N PHE A 392 -14.28 26.55 -7.62
CA PHE A 392 -14.51 25.09 -7.53
C PHE A 392 -13.64 24.40 -8.57
N VAL A 393 -12.72 23.53 -8.13
CA VAL A 393 -11.71 22.91 -9.02
C VAL A 393 -11.61 21.40 -8.72
N GLY A 394 -12.69 20.80 -8.25
CA GLY A 394 -12.80 19.34 -8.05
C GLY A 394 -12.52 18.58 -9.34
N PHE A 395 -12.93 19.11 -10.49
CA PHE A 395 -12.74 18.49 -11.83
C PHE A 395 -11.64 19.21 -12.61
N GLY A 396 -10.74 19.87 -11.90
CA GLY A 396 -9.77 20.78 -12.54
C GLY A 396 -10.48 21.89 -13.29
N ALA A 397 -9.83 22.46 -14.30
CA ALA A 397 -10.34 23.63 -15.06
C ALA A 397 -9.49 23.85 -16.30
N GLY A 398 -9.93 24.79 -17.15
CA GLY A 398 -9.17 25.22 -18.32
C GLY A 398 -8.97 24.07 -19.29
N ARG A 399 -7.87 24.10 -20.02
CA ARG A 399 -7.68 23.23 -21.21
C ARG A 399 -7.88 21.75 -20.86
N HIS A 400 -7.26 21.27 -19.77
CA HIS A 400 -7.27 19.83 -19.42
C HIS A 400 -8.27 19.53 -18.28
N GLY A 401 -9.29 20.38 -18.11
CA GLY A 401 -10.45 20.13 -17.23
C GLY A 401 -11.07 18.77 -17.55
N CYS A 402 -11.64 18.11 -16.54
CA CYS A 402 -12.25 16.76 -16.71
C CYS A 402 -13.27 16.75 -17.87
N MET A 403 -13.09 15.84 -18.82
CA MET A 403 -14.05 15.60 -19.93
C MET A 403 -15.13 14.59 -19.50
N GLY A 404 -14.95 13.92 -18.36
CA GLY A 404 -15.93 12.95 -17.85
C GLY A 404 -16.92 13.54 -16.86
N GLU A 405 -16.81 14.84 -16.57
CA GLU A 405 -17.59 15.48 -15.49
C GLU A 405 -19.07 15.11 -15.66
N ASN A 406 -19.64 15.38 -16.83
CA ASN A 406 -21.11 15.21 -17.05
C ASN A 406 -21.48 13.73 -16.88
N PHE A 407 -20.70 12.82 -17.47
CA PHE A 407 -20.85 11.36 -17.27
C PHE A 407 -20.82 11.00 -15.78
N ALA A 408 -19.84 11.52 -15.03
CA ALA A 408 -19.68 11.25 -13.58
C ALA A 408 -20.96 11.64 -12.83
N TYR A 409 -21.49 12.85 -13.10
CA TYR A 409 -22.71 13.37 -12.43
C TYR A 409 -23.90 12.45 -12.79
N LEU A 410 -24.03 12.05 -14.04
CA LEU A 410 -25.15 11.17 -14.47
C LEU A 410 -25.03 9.80 -13.78
N GLN A 411 -23.81 9.24 -13.71
CA GLN A 411 -23.55 7.94 -13.03
C GLN A 411 -23.95 8.02 -11.55
N ILE A 412 -23.50 9.05 -10.84
CA ILE A 412 -23.65 9.13 -9.36
C ILE A 412 -25.10 9.52 -9.01
N LYS A 413 -25.73 10.37 -9.83
CA LYS A 413 -27.12 10.81 -9.59
C LYS A 413 -28.07 9.65 -9.91
N THR A 414 -27.74 8.85 -10.91
CA THR A 414 -28.52 7.63 -11.20
C THR A 414 -28.45 6.67 -10.01
N ILE A 415 -27.23 6.40 -9.52
CA ILE A 415 -27.00 5.52 -8.34
C ILE A 415 -27.89 5.99 -7.19
N TRP A 416 -27.75 7.24 -6.76
CA TRP A 416 -28.45 7.71 -5.54
C TRP A 416 -29.95 7.90 -5.81
N SER A 417 -30.38 8.16 -7.04
CA SER A 417 -31.83 8.21 -7.37
C SER A 417 -32.45 6.84 -7.08
N VAL A 418 -31.84 5.79 -7.61
CA VAL A 418 -32.34 4.39 -7.45
C VAL A 418 -32.35 4.02 -5.96
N LEU A 419 -31.28 4.36 -5.23
CA LEU A 419 -31.16 4.04 -3.78
C LEU A 419 -32.22 4.83 -2.99
N LEU A 420 -32.34 6.14 -3.25
CA LEU A 420 -33.25 7.06 -2.51
C LEU A 420 -34.71 6.63 -2.69
N ARG A 421 -35.07 6.15 -3.88
CA ARG A 421 -36.48 5.82 -4.21
C ARG A 421 -36.87 4.45 -3.61
N ASN A 422 -35.90 3.59 -3.27
CA ASN A 422 -36.18 2.15 -2.99
C ASN A 422 -35.78 1.76 -1.55
N PHE A 423 -34.96 2.56 -0.87
CA PHE A 423 -34.38 2.16 0.44
C PHE A 423 -34.46 3.32 1.43
N ASP A 424 -34.60 2.98 2.71
CA ASP A 424 -34.23 3.84 3.86
C ASP A 424 -32.80 3.50 4.27
N ILE A 425 -31.95 4.51 4.42
CA ILE A 425 -30.48 4.29 4.61
C ILE A 425 -30.01 5.08 5.82
N GLU A 426 -29.09 4.49 6.58
CA GLU A 426 -28.41 5.14 7.73
C GLU A 426 -26.92 4.86 7.64
N LEU A 427 -26.10 5.86 7.97
CA LEU A 427 -24.65 5.67 8.23
C LEU A 427 -24.47 4.76 9.45
N VAL A 428 -23.59 3.77 9.33
CA VAL A 428 -23.18 2.88 10.46
C VAL A 428 -21.93 3.45 11.10
N GLY A 429 -22.03 3.85 12.38
CA GLY A 429 -20.93 4.41 13.17
C GLY A 429 -20.48 5.77 12.68
N GLU A 430 -19.20 6.07 12.87
CA GLU A 430 -18.60 7.39 12.60
C GLU A 430 -18.38 7.54 11.09
N LEU A 431 -18.53 8.75 10.55
CA LEU A 431 -18.05 9.09 9.19
C LEU A 431 -16.64 8.55 9.01
N PRO A 432 -16.39 7.78 7.93
CA PRO A 432 -15.04 7.32 7.62
C PRO A 432 -14.09 8.50 7.45
N LYS A 433 -12.82 8.29 7.75
CA LYS A 433 -11.73 9.25 7.43
C LYS A 433 -11.13 8.88 6.09
N PRO A 434 -10.54 9.86 5.36
CA PRO A 434 -9.93 9.56 4.06
C PRO A 434 -8.79 8.54 4.20
N ASP A 435 -8.67 7.67 3.21
CA ASP A 435 -7.55 6.72 3.04
C ASP A 435 -6.57 7.29 2.01
N TYR A 436 -5.35 7.64 2.43
CA TYR A 436 -4.38 8.36 1.58
C TYR A 436 -3.30 7.39 1.07
N THR A 437 -3.63 6.10 0.88
CA THR A 437 -2.64 5.05 0.52
C THR A 437 -2.46 4.97 -1.01
N ALA A 438 -3.42 5.46 -1.80
CA ALA A 438 -3.33 5.40 -3.27
C ALA A 438 -3.49 6.81 -3.86
N MET A 439 -3.27 6.91 -5.17
CA MET A 439 -3.29 8.19 -5.92
C MET A 439 -4.72 8.74 -5.98
N VAL A 440 -5.73 7.87 -5.96
CA VAL A 440 -7.13 8.30 -5.70
C VAL A 440 -7.46 8.07 -4.22
N VAL A 441 -7.75 9.16 -3.53
CA VAL A 441 -8.13 9.16 -2.08
C VAL A 441 -9.62 8.84 -2.00
N GLY A 442 -9.99 7.94 -1.10
CA GLY A 442 -11.39 7.56 -0.85
C GLY A 442 -11.64 7.36 0.63
N PRO A 443 -12.91 7.14 1.03
CA PRO A 443 -13.24 6.84 2.43
C PRO A 443 -12.63 5.49 2.84
N ALA A 444 -11.99 5.46 4.01
CA ALA A 444 -11.33 4.25 4.55
C ALA A 444 -12.37 3.17 4.81
N HIS A 445 -12.11 1.95 4.35
CA HIS A 445 -12.92 0.75 4.71
C HIS A 445 -12.81 0.51 6.22
N PRO A 446 -13.87 0.01 6.88
CA PRO A 446 -15.16 -0.26 6.23
C PRO A 446 -16.05 0.98 6.11
N CYS A 447 -16.68 1.14 4.96
CA CYS A 447 -17.61 2.27 4.65
C CYS A 447 -19.04 1.77 4.68
N LEU A 448 -19.62 1.59 5.87
CA LEU A 448 -20.87 0.81 6.05
C LEU A 448 -22.08 1.74 6.02
N LEU A 449 -23.06 1.38 5.19
CA LEU A 449 -24.43 1.93 5.24
C LEU A 449 -25.38 0.77 5.58
N ARG A 450 -26.34 1.03 6.46
CA ARG A 450 -27.46 0.10 6.72
C ARG A 450 -28.60 0.48 5.79
N TYR A 451 -29.25 -0.49 5.16
CA TYR A 451 -30.36 -0.23 4.22
C TYR A 451 -31.56 -1.09 4.58
N THR A 452 -32.75 -0.57 4.31
CA THR A 452 -34.03 -1.32 4.36
C THR A 452 -34.91 -0.90 3.18
N ARG A 453 -35.43 -1.85 2.42
CA ARG A 453 -36.43 -1.52 1.37
C ARG A 453 -37.58 -0.77 2.02
N LYS A 454 -38.16 0.18 1.28
CA LYS A 454 -39.29 1.03 1.74
C LYS A 454 -40.56 0.18 1.87
N LEU B 11 11.27 35.37 -6.35
CA LEU B 11 10.89 33.93 -6.17
C LEU B 11 9.89 33.83 -5.02
N PRO B 12 8.91 32.91 -5.07
CA PRO B 12 8.07 32.62 -3.91
C PRO B 12 8.93 32.21 -2.72
N PRO B 13 8.41 32.37 -1.48
CA PRO B 13 9.11 31.86 -0.30
C PRO B 13 9.38 30.35 -0.41
N VAL B 14 10.58 29.93 0.01
CA VAL B 14 10.94 28.49 0.15
C VAL B 14 10.70 28.08 1.61
N VAL B 15 9.72 27.21 1.83
CA VAL B 15 9.21 26.86 3.18
C VAL B 15 10.13 25.80 3.79
N SER B 16 10.66 24.89 2.96
CA SER B 16 11.77 24.00 3.42
C SER B 16 12.52 23.40 2.24
N SER B 17 13.72 22.89 2.51
CA SER B 17 14.61 22.29 1.50
C SER B 17 15.17 20.97 2.05
N LEU B 18 14.75 19.85 1.46
CA LEU B 18 14.88 18.50 2.05
C LEU B 18 15.74 17.63 1.14
N ILE B 19 16.68 16.87 1.74
CA ILE B 19 17.45 15.84 1.02
C ILE B 19 17.46 14.58 1.86
N PRO B 20 16.41 13.72 1.78
CA PRO B 20 16.33 12.58 2.69
C PRO B 20 17.30 11.47 2.30
N PHE B 21 17.54 10.58 3.25
CA PHE B 21 18.36 9.36 3.09
C PHE B 21 17.57 8.35 2.24
N VAL B 22 18.10 8.00 1.08
CA VAL B 22 17.32 7.34 -0.01
C VAL B 22 17.35 5.82 0.17
N GLY B 23 18.38 5.29 0.84
CA GLY B 23 18.65 3.84 0.98
C GLY B 23 17.46 3.05 1.52
N SER B 24 16.76 3.59 2.52
CA SER B 24 15.61 2.92 3.18
C SER B 24 14.50 2.62 2.15
N GLY B 25 14.46 3.35 1.04
CA GLY B 25 13.38 3.22 0.04
C GLY B 25 13.46 1.91 -0.74
N LEU B 26 14.62 1.27 -0.75
CA LEU B 26 14.80 -0.02 -1.48
C LEU B 26 13.82 -1.05 -0.91
N SER B 27 13.38 -0.86 0.34
CA SER B 27 12.40 -1.77 1.00
C SER B 27 11.00 -1.58 0.40
N PHE B 28 10.76 -0.46 -0.30
CA PHE B 28 9.44 -0.13 -0.88
C PHE B 28 9.55 0.04 -2.39
N ALA B 29 10.48 -0.69 -3.02
CA ALA B 29 10.81 -0.53 -4.46
C ALA B 29 10.18 -1.67 -5.29
N GLY B 30 9.19 -2.36 -4.71
CA GLY B 30 8.37 -3.38 -5.39
C GLY B 30 9.16 -4.64 -5.67
N GLY B 31 10.34 -4.76 -5.04
CA GLY B 31 11.15 -5.99 -5.03
C GLY B 31 12.00 -6.13 -6.30
N PRO B 32 12.96 -5.24 -6.56
CA PRO B 32 13.78 -5.31 -7.77
C PRO B 32 14.87 -6.41 -7.72
N LEU B 33 14.50 -7.62 -7.32
CA LEU B 33 15.45 -8.75 -7.15
C LEU B 33 16.07 -9.13 -8.50
N GLN B 34 15.27 -9.24 -9.56
CA GLN B 34 15.75 -9.73 -10.89
C GLN B 34 16.71 -8.70 -11.49
N TYR B 35 16.40 -7.40 -11.38
CA TYR B 35 17.30 -6.31 -11.81
C TYR B 35 18.65 -6.46 -11.09
N THR B 36 18.63 -6.49 -9.76
CA THR B 36 19.87 -6.47 -8.94
C THR B 36 20.64 -7.76 -9.20
N THR B 37 19.94 -8.85 -9.47
CA THR B 37 20.55 -10.16 -9.87
C THR B 37 21.29 -9.99 -11.20
N ASP B 38 20.65 -9.35 -12.19
CA ASP B 38 21.24 -9.13 -13.54
C ASP B 38 22.52 -8.30 -13.38
N ALA B 39 22.49 -7.28 -12.52
CA ALA B 39 23.67 -6.42 -12.23
C ALA B 39 24.77 -7.30 -11.62
N TYR B 40 24.41 -8.12 -10.63
CA TYR B 40 25.36 -9.03 -9.95
C TYR B 40 26.06 -9.92 -10.98
N LYS B 41 25.27 -10.57 -11.84
CA LYS B 41 25.78 -11.50 -12.88
C LYS B 41 26.72 -10.76 -13.85
N LYS B 42 26.46 -9.47 -14.13
CA LYS B 42 27.25 -8.74 -15.15
C LYS B 42 28.50 -8.11 -14.51
N TYR B 43 28.42 -7.57 -13.29
CA TYR B 43 29.45 -6.66 -12.72
C TYR B 43 30.18 -7.33 -11.55
N GLY B 44 29.69 -8.48 -11.09
CA GLY B 44 30.32 -9.23 -9.98
C GLY B 44 29.75 -8.88 -8.62
N ASP B 45 30.49 -9.20 -7.56
CA ASP B 45 29.93 -9.40 -6.19
C ASP B 45 29.94 -8.07 -5.43
N ILE B 46 30.47 -7.00 -6.03
CA ILE B 46 30.37 -5.62 -5.46
C ILE B 46 30.13 -4.63 -6.59
N PHE B 47 29.09 -3.80 -6.46
CA PHE B 47 28.64 -2.85 -7.51
C PHE B 47 27.73 -1.81 -6.87
N THR B 48 27.55 -0.69 -7.58
CA THR B 48 26.96 0.55 -7.01
C THR B 48 25.85 1.04 -7.94
N MET B 49 24.72 1.42 -7.36
CA MET B 49 23.66 2.20 -8.04
C MET B 49 23.61 3.58 -7.38
N LYS B 50 23.40 4.63 -8.18
CA LYS B 50 23.35 6.02 -7.65
C LYS B 50 21.96 6.58 -7.94
N VAL B 51 21.30 7.06 -6.90
CA VAL B 51 19.95 7.70 -7.02
C VAL B 51 20.01 9.01 -6.27
N PHE B 52 19.64 10.10 -6.95
CA PHE B 52 19.77 11.48 -6.44
C PHE B 52 21.23 11.68 -6.01
N GLY B 53 22.15 11.10 -6.79
CA GLY B 53 23.60 11.17 -6.57
C GLY B 53 24.05 10.45 -5.31
N GLN B 54 23.16 9.76 -4.60
CA GLN B 54 23.52 8.99 -3.37
C GLN B 54 23.94 7.57 -3.80
N ARG B 55 25.08 7.11 -3.29
CA ARG B 55 25.75 5.87 -3.76
C ARG B 55 25.22 4.66 -2.95
N LEU B 56 24.62 3.69 -3.64
CA LEU B 56 24.06 2.46 -3.00
C LEU B 56 24.89 1.27 -3.44
N THR B 57 25.68 0.70 -2.54
CA THR B 57 26.74 -0.28 -2.91
C THR B 57 26.37 -1.68 -2.37
N PHE B 58 26.16 -2.62 -3.27
CA PHE B 58 25.66 -3.99 -2.97
C PHE B 58 26.84 -4.95 -2.82
N LEU B 59 26.76 -5.82 -1.80
CA LEU B 59 27.77 -6.88 -1.50
C LEU B 59 27.08 -8.25 -1.55
N VAL B 60 27.43 -9.07 -2.54
CA VAL B 60 26.67 -10.30 -2.86
C VAL B 60 27.54 -11.53 -2.60
N GLY B 61 27.10 -12.38 -1.69
CA GLY B 61 27.74 -13.69 -1.43
C GLY B 61 28.78 -13.62 -0.32
N PRO B 62 29.22 -14.80 0.15
CA PRO B 62 29.94 -14.89 1.42
C PRO B 62 31.22 -14.05 1.52
N ASP B 63 32.01 -13.96 0.45
CA ASP B 63 33.26 -13.13 0.46
C ASP B 63 32.89 -11.64 0.62
N ALA B 64 32.01 -11.10 -0.22
CA ALA B 64 31.58 -9.68 -0.16
C ALA B 64 30.90 -9.40 1.19
N HIS B 65 30.33 -10.40 1.86
CA HIS B 65 29.64 -10.23 3.17
C HIS B 65 30.62 -9.78 4.25
N VAL B 66 31.90 -10.17 4.15
CA VAL B 66 32.84 -10.04 5.31
C VAL B 66 32.90 -8.58 5.74
N PRO B 67 33.15 -7.61 4.85
CA PRO B 67 33.24 -6.22 5.25
C PRO B 67 31.95 -5.73 5.92
N PHE B 68 30.79 -6.26 5.50
CA PHE B 68 29.46 -5.85 6.04
C PHE B 68 29.27 -6.36 7.48
N PHE B 69 29.35 -7.68 7.69
CA PHE B 69 28.92 -8.33 8.96
C PHE B 69 30.06 -8.30 9.99
N SER B 70 31.31 -8.18 9.54
CA SER B 70 32.48 -8.34 10.44
C SER B 70 32.87 -7.02 11.10
N GLN B 71 32.44 -5.87 10.59
CA GLN B 71 32.81 -4.56 11.18
C GLN B 71 31.77 -4.16 12.24
N GLY B 72 32.07 -3.12 13.01
CA GLY B 72 31.23 -2.65 14.14
C GLY B 72 30.66 -1.27 13.88
N ASP B 73 30.09 -0.67 14.93
CA ASP B 73 29.30 0.58 14.88
C ASP B 73 30.18 1.77 14.48
N ALA B 74 31.48 1.73 14.79
CA ALA B 74 32.43 2.83 14.50
C ALA B 74 32.69 2.90 12.98
N GLU B 75 32.55 1.78 12.28
CA GLU B 75 32.86 1.66 10.83
C GLU B 75 31.57 1.67 10.00
N LEU B 76 30.49 1.08 10.51
CA LEU B 76 29.18 0.97 9.80
C LEU B 76 28.05 1.36 10.77
N SER B 77 27.18 2.28 10.35
CA SER B 77 26.10 2.83 11.22
C SER B 77 24.75 2.26 10.79
N GLN B 78 23.90 2.00 11.78
CA GLN B 78 22.48 1.60 11.60
C GLN B 78 21.57 2.83 11.66
N ASP B 79 22.07 3.99 12.11
CA ASP B 79 21.21 5.14 12.52
C ASP B 79 20.30 5.54 11.34
N GLU B 80 20.85 5.88 10.19
CA GLU B 80 20.04 6.45 9.07
C GLU B 80 19.11 5.39 8.50
N PRO B 81 19.59 4.15 8.26
CA PRO B 81 18.72 3.05 7.83
C PRO B 81 17.50 2.79 8.71
N TYR B 82 17.65 2.98 10.03
CA TYR B 82 16.58 2.68 11.02
C TYR B 82 15.90 3.96 11.52
N GLN B 83 16.11 5.11 10.86
CA GLN B 83 15.54 6.39 11.36
C GLN B 83 14.01 6.34 11.29
N PHE B 84 13.43 5.49 10.44
CA PHE B 84 11.96 5.33 10.31
C PHE B 84 11.39 4.82 11.63
N SER B 85 12.20 4.12 12.43
CA SER B 85 11.69 3.38 13.62
C SER B 85 11.64 4.32 14.83
N VAL B 86 12.31 5.47 14.79
CA VAL B 86 12.47 6.34 15.99
C VAL B 86 11.10 6.78 16.51
N PRO B 87 10.16 7.30 15.69
CA PRO B 87 8.84 7.69 16.22
C PRO B 87 7.90 6.50 16.49
N ILE B 88 8.20 5.33 15.94
CA ILE B 88 7.41 4.09 16.21
C ILE B 88 7.73 3.59 17.62
N PHE B 89 9.01 3.46 17.97
CA PHE B 89 9.47 2.83 19.24
C PHE B 89 9.41 3.88 20.37
N GLY B 90 9.67 5.13 20.03
CA GLY B 90 9.57 6.28 20.94
C GLY B 90 10.94 6.89 21.22
N PRO B 91 10.99 8.00 22.00
CA PRO B 91 12.24 8.72 22.21
C PRO B 91 13.24 7.91 23.06
N ASN B 92 14.52 7.99 22.71
CA ASN B 92 15.67 7.41 23.45
C ASN B 92 15.57 5.89 23.49
N VAL B 93 14.82 5.29 22.56
CA VAL B 93 14.63 3.82 22.46
C VAL B 93 15.39 3.30 21.23
N VAL B 94 16.34 2.40 21.44
CA VAL B 94 17.08 1.64 20.38
C VAL B 94 17.74 2.65 19.41
N TYR B 95 17.22 2.84 18.19
CA TYR B 95 17.92 3.69 17.18
C TYR B 95 17.62 5.16 17.42
N GLY B 96 16.80 5.48 18.42
CA GLY B 96 16.60 6.85 18.90
C GLY B 96 17.52 7.18 20.05
N ALA B 97 18.31 6.20 20.50
CA ALA B 97 19.21 6.33 21.68
C ALA B 97 20.65 6.46 21.20
N ASP B 98 21.48 7.21 21.94
CA ASP B 98 22.96 7.22 21.72
C ASP B 98 23.48 5.79 21.88
N LEU B 99 24.66 5.51 21.31
CA LEU B 99 25.25 4.15 21.24
C LEU B 99 25.38 3.58 22.66
N ALA B 100 25.80 4.41 23.61
CA ALA B 100 26.03 4.02 25.02
C ALA B 100 24.76 3.36 25.57
N HIS B 101 23.60 4.00 25.39
CA HIS B 101 22.30 3.51 25.91
C HIS B 101 21.76 2.40 25.00
N ARG B 102 21.99 2.51 23.69
CA ARG B 102 21.43 1.54 22.71
C ARG B 102 22.04 0.15 22.99
N ASN B 103 23.36 0.08 23.17
CA ASN B 103 24.07 -1.20 23.44
C ASN B 103 23.58 -1.84 24.74
N GLN B 104 23.27 -1.04 25.76
CA GLN B 104 22.74 -1.55 27.05
C GLN B 104 21.32 -2.08 26.82
N GLN B 105 20.51 -1.36 26.05
CA GLN B 105 19.12 -1.79 25.71
C GLN B 105 19.18 -3.11 24.94
N LEU B 106 20.15 -3.27 24.04
CA LEU B 106 20.29 -4.52 23.24
C LEU B 106 20.71 -5.68 24.15
N LYS B 107 21.49 -5.40 25.20
CA LYS B 107 21.81 -6.39 26.27
C LYS B 107 20.53 -6.81 27.00
N PHE B 108 19.69 -5.86 27.42
CA PHE B 108 18.41 -6.15 28.11
C PHE B 108 17.58 -7.08 27.23
N ILE B 109 17.49 -6.76 25.93
CA ILE B 109 16.71 -7.57 24.94
C ILE B 109 17.35 -8.96 24.84
N ALA B 110 18.68 -9.05 24.77
CA ALA B 110 19.42 -10.33 24.71
C ALA B 110 19.01 -11.23 25.88
N ALA B 111 18.93 -10.65 27.07
CA ALA B 111 18.55 -11.37 28.32
C ALA B 111 17.11 -11.86 28.21
N SER B 112 16.19 -11.06 27.65
CA SER B 112 14.74 -11.40 27.56
C SER B 112 14.53 -12.58 26.61
N LEU B 113 15.47 -12.79 25.69
CA LEU B 113 15.37 -13.77 24.57
C LEU B 113 16.42 -14.86 24.73
N SER B 114 17.06 -14.93 25.90
CA SER B 114 18.15 -15.90 26.18
C SER B 114 17.60 -17.33 26.18
N THR B 115 18.51 -18.30 26.02
CA THR B 115 18.18 -19.75 26.13
C THR B 115 17.36 -20.00 27.41
N LYS B 116 17.77 -19.38 28.52
CA LYS B 116 17.13 -19.58 29.85
C LYS B 116 15.70 -19.04 29.81
N ALA B 117 15.51 -17.83 29.25
CA ALA B 117 14.18 -17.19 29.08
C ALA B 117 13.30 -18.09 28.19
N LEU B 118 13.85 -18.60 27.09
CA LEU B 118 13.13 -19.46 26.10
C LEU B 118 12.70 -20.77 26.77
N GLN B 119 13.50 -21.30 27.70
CA GLN B 119 13.13 -22.51 28.49
C GLN B 119 11.81 -22.28 29.23
N SER B 120 11.58 -21.08 29.76
CA SER B 120 10.33 -20.72 30.47
C SER B 120 9.21 -20.36 29.47
N TYR B 121 9.53 -19.84 28.29
CA TYR B 121 8.51 -19.39 27.29
C TYR B 121 7.87 -20.61 26.62
N VAL B 122 8.63 -21.68 26.40
CA VAL B 122 8.23 -22.75 25.44
C VAL B 122 6.89 -23.38 25.88
N PRO B 123 6.67 -23.68 27.19
CA PRO B 123 5.37 -24.19 27.63
C PRO B 123 4.19 -23.24 27.33
N LEU B 124 4.43 -21.93 27.41
CA LEU B 124 3.42 -20.90 27.05
C LEU B 124 3.18 -20.92 25.54
N ILE B 125 4.23 -21.02 24.74
CA ILE B 125 4.16 -21.04 23.25
C ILE B 125 3.37 -22.28 22.81
N VAL B 126 3.61 -23.42 23.47
CA VAL B 126 2.97 -24.71 23.12
C VAL B 126 1.49 -24.65 23.49
N LYS B 127 1.17 -24.08 24.64
CA LYS B 127 -0.24 -23.95 25.10
C LYS B 127 -1.01 -23.03 24.14
N GLU B 128 -0.48 -21.85 23.81
CA GLU B 128 -1.16 -20.89 22.89
C GLU B 128 -1.48 -21.64 21.59
N ALA B 129 -0.51 -22.35 21.03
CA ALA B 129 -0.62 -23.06 19.74
C ALA B 129 -1.70 -24.14 19.84
N GLU B 130 -1.63 -24.99 20.88
CA GLU B 130 -2.54 -26.15 21.05
C GLU B 130 -3.98 -25.65 21.19
N ASP B 131 -4.20 -24.66 22.08
CA ASP B 131 -5.50 -23.99 22.31
C ASP B 131 -6.01 -23.35 21.00
N PHE B 132 -5.12 -22.71 20.25
CA PHE B 132 -5.47 -21.90 19.05
C PHE B 132 -6.06 -22.85 17.99
N PHE B 133 -5.38 -23.96 17.72
CA PHE B 133 -5.75 -24.91 16.63
C PHE B 133 -6.83 -25.87 17.14
N ALA B 134 -7.07 -25.88 18.45
CA ALA B 134 -8.17 -26.66 19.09
C ALA B 134 -9.52 -26.10 18.63
N LYS B 135 -9.57 -24.79 18.35
CA LYS B 135 -10.81 -24.05 17.99
C LYS B 135 -11.24 -24.39 16.56
N TRP B 136 -10.31 -24.92 15.76
CA TRP B 136 -10.56 -25.23 14.33
C TRP B 136 -11.64 -26.31 14.24
N ASP B 137 -12.40 -26.30 13.14
CA ASP B 137 -13.49 -27.28 12.88
C ASP B 137 -12.83 -28.59 12.41
N LYS B 138 -13.62 -29.59 12.01
CA LYS B 138 -13.13 -30.92 11.57
C LYS B 138 -12.54 -30.80 10.17
N SER B 139 -13.01 -29.82 9.41
CA SER B 139 -12.58 -29.58 8.01
C SER B 139 -12.69 -28.08 7.75
N GLY B 140 -11.95 -27.60 6.75
CA GLY B 140 -11.94 -26.17 6.40
C GLY B 140 -10.79 -25.81 5.50
N THR B 141 -10.83 -24.57 5.00
CA THR B 141 -9.67 -23.88 4.38
C THR B 141 -9.36 -22.67 5.24
N VAL B 142 -8.09 -22.28 5.27
CA VAL B 142 -7.60 -21.15 6.10
C VAL B 142 -6.61 -20.36 5.26
N ASP B 143 -6.60 -19.04 5.39
CA ASP B 143 -5.48 -18.20 4.93
C ASP B 143 -4.36 -18.32 5.97
N ILE B 144 -3.36 -19.15 5.69
CA ILE B 144 -2.36 -19.58 6.70
C ILE B 144 -1.60 -18.36 7.20
N ARG B 145 -1.45 -17.34 6.34
CA ARG B 145 -0.75 -16.10 6.71
C ARG B 145 -1.56 -15.32 7.75
N ASP B 146 -2.88 -15.18 7.55
CA ASP B 146 -3.76 -14.48 8.52
C ASP B 146 -3.78 -15.28 9.84
N ALA B 147 -3.83 -16.61 9.75
CA ALA B 147 -3.98 -17.49 10.93
C ALA B 147 -2.72 -17.38 11.81
N LEU B 148 -1.54 -17.56 11.21
CA LEU B 148 -0.27 -17.53 11.98
C LEU B 148 -0.01 -16.12 12.49
N ALA B 149 -0.46 -15.08 11.77
CA ALA B 149 -0.36 -13.69 12.24
C ALA B 149 -1.12 -13.56 13.57
N GLU B 150 -2.31 -14.18 13.65
CA GLU B 150 -3.19 -14.11 14.86
C GLU B 150 -2.48 -14.83 16.01
N LEU B 151 -2.04 -16.07 15.77
CA LEU B 151 -1.42 -16.91 16.82
C LEU B 151 -0.13 -16.25 17.32
N ILE B 152 0.61 -15.59 16.44
CA ILE B 152 1.96 -15.07 16.75
C ILE B 152 1.86 -13.78 17.58
N ILE B 153 0.80 -12.98 17.43
CA ILE B 153 0.60 -11.77 18.29
C ILE B 153 0.03 -12.24 19.65
N LEU B 154 -0.90 -13.19 19.64
CA LEU B 154 -1.42 -13.84 20.87
C LEU B 154 -0.23 -14.35 21.70
N THR B 155 0.68 -15.06 21.05
CA THR B 155 1.85 -15.68 21.75
C THR B 155 2.82 -14.62 22.26
N ALA B 156 3.13 -13.61 21.45
CA ALA B 156 4.06 -12.52 21.85
C ALA B 156 3.45 -11.70 22.99
N SER B 157 2.14 -11.42 22.94
CA SER B 157 1.48 -10.67 24.05
C SER B 157 1.71 -11.44 25.36
N ARG B 158 1.68 -12.76 25.33
CA ARG B 158 1.93 -13.58 26.56
C ARG B 158 3.41 -13.56 26.96
N CYS B 159 4.29 -13.95 26.05
CA CYS B 159 5.75 -14.09 26.40
C CYS B 159 6.40 -12.73 26.64
N LEU B 160 6.10 -11.72 25.81
CA LEU B 160 6.79 -10.40 25.89
C LEU B 160 6.12 -9.52 26.96
N MET B 161 4.79 -9.45 26.97
CA MET B 161 4.03 -8.38 27.69
C MET B 161 3.53 -8.91 29.05
N GLY B 162 3.18 -10.19 29.12
CA GLY B 162 2.81 -10.86 30.39
C GLY B 162 1.34 -11.25 30.43
N LYS B 163 0.91 -11.98 31.47
CA LYS B 163 -0.44 -12.60 31.58
C LYS B 163 -1.50 -11.50 31.72
N GLU B 164 -1.20 -10.45 32.46
CA GLU B 164 -2.17 -9.35 32.73
C GLU B 164 -2.72 -8.87 31.38
N ILE B 165 -1.85 -8.38 30.50
CA ILE B 165 -2.22 -7.87 29.15
C ILE B 165 -2.82 -9.03 28.35
N ARG B 166 -2.20 -10.22 28.41
CA ARG B 166 -2.58 -11.35 27.52
C ARG B 166 -4.03 -11.76 27.82
N GLU B 167 -4.42 -11.75 29.10
CA GLU B 167 -5.69 -12.38 29.56
C GLU B 167 -6.78 -11.31 29.69
N ASN B 168 -6.41 -10.02 29.74
CA ASN B 168 -7.35 -8.92 30.05
C ASN B 168 -7.43 -7.93 28.88
N LEU B 169 -6.30 -7.58 28.25
CA LEU B 169 -6.20 -6.41 27.36
C LEU B 169 -5.64 -6.80 25.99
N PHE B 170 -5.82 -8.04 25.55
CA PHE B 170 -5.26 -8.52 24.26
C PHE B 170 -5.87 -7.71 23.12
N THR B 171 -7.20 -7.66 23.01
CA THR B 171 -7.91 -6.95 21.90
C THR B 171 -7.40 -5.51 21.82
N GLU B 172 -7.31 -4.84 22.96
CA GLU B 172 -6.84 -3.44 23.12
C GLU B 172 -5.41 -3.32 22.56
N VAL B 173 -4.50 -4.18 23.00
CA VAL B 173 -3.04 -4.06 22.71
C VAL B 173 -2.80 -4.44 21.24
N ALA B 174 -3.51 -5.43 20.71
CA ALA B 174 -3.46 -5.84 19.29
C ALA B 174 -3.93 -4.69 18.38
N LYS B 175 -5.00 -3.97 18.75
CA LYS B 175 -5.50 -2.82 17.96
C LYS B 175 -4.42 -1.73 17.96
N LEU B 176 -3.81 -1.45 19.12
CA LEU B 176 -2.76 -0.41 19.26
C LEU B 176 -1.56 -0.76 18.37
N TYR B 177 -1.17 -2.04 18.31
CA TYR B 177 -0.04 -2.51 17.47
C TYR B 177 -0.45 -2.39 15.99
N GLN B 178 -1.68 -2.80 15.65
CA GLN B 178 -2.23 -2.68 14.28
C GLN B 178 -2.05 -1.23 13.80
N THR B 179 -2.29 -0.24 14.69
CA THR B 179 -2.25 1.20 14.33
C THR B 179 -0.81 1.63 14.08
N LEU B 180 0.12 1.19 14.93
CA LEU B 180 1.58 1.43 14.73
C LEU B 180 1.99 0.87 13.37
N ASP B 181 1.47 -0.30 13.03
CA ASP B 181 1.76 -1.03 11.78
C ASP B 181 1.22 -0.24 10.58
N GLU B 182 0.04 0.35 10.72
CA GLU B 182 -0.64 1.12 9.64
C GLU B 182 0.13 2.43 9.43
N GLY B 183 0.83 2.88 10.47
CA GLY B 183 1.59 4.14 10.51
C GLY B 183 2.89 4.06 9.72
N LEU B 184 3.31 2.86 9.34
CA LEU B 184 4.57 2.67 8.57
C LEU B 184 4.23 2.60 7.08
N LEU B 185 4.39 3.71 6.38
CA LEU B 185 4.07 3.82 4.94
C LEU B 185 5.38 3.93 4.19
N PRO B 186 5.38 3.80 2.85
CA PRO B 186 6.57 4.11 2.06
C PRO B 186 7.13 5.52 2.36
N ILE B 187 6.27 6.52 2.54
CA ILE B 187 6.70 7.93 2.77
C ILE B 187 7.44 8.00 4.12
N SER B 188 7.06 7.12 5.04
CA SER B 188 7.50 7.11 6.47
C SER B 188 9.01 6.82 6.58
N VAL B 189 9.64 6.20 5.57
CA VAL B 189 11.09 5.83 5.67
C VAL B 189 11.95 6.96 5.11
N PHE B 190 11.33 7.94 4.46
CA PHE B 190 11.99 9.19 4.03
C PHE B 190 11.78 10.27 5.07
N PHE B 191 10.54 10.45 5.52
CA PHE B 191 10.09 11.58 6.37
C PHE B 191 9.30 11.00 7.55
N PRO B 192 10.00 10.46 8.55
CA PRO B 192 9.34 9.77 9.67
C PRO B 192 8.47 10.71 10.52
N TYR B 193 8.71 12.02 10.46
CA TYR B 193 7.99 13.02 11.31
C TYR B 193 7.00 13.83 10.48
N LEU B 194 6.81 13.49 9.21
CA LEU B 194 5.82 14.18 8.32
C LEU B 194 4.47 14.14 9.01
N PRO B 195 3.82 15.31 9.27
CA PRO B 195 2.58 15.34 10.05
C PRO B 195 1.36 14.97 9.18
N ILE B 196 1.29 13.71 8.75
CA ILE B 196 0.15 13.11 7.98
C ILE B 196 -0.71 12.32 8.96
N PRO B 197 -1.98 12.02 8.62
CA PRO B 197 -2.88 11.36 9.56
C PRO B 197 -2.32 10.03 10.12
N ALA B 198 -1.74 9.18 9.27
CA ALA B 198 -1.26 7.84 9.67
C ALA B 198 -0.15 7.97 10.72
N HIS B 199 0.65 9.04 10.66
CA HIS B 199 1.70 9.34 11.67
C HIS B 199 1.05 9.89 12.95
N LYS B 200 0.03 10.73 12.81
CA LYS B 200 -0.71 11.31 13.96
C LYS B 200 -1.30 10.15 14.77
N ARG B 201 -1.86 9.15 14.10
CA ARG B 201 -2.50 7.99 14.76
C ARG B 201 -1.44 7.03 15.30
N ARG B 202 -0.30 6.92 14.64
CA ARG B 202 0.88 6.17 15.17
C ARG B 202 1.25 6.77 16.53
N ASP B 203 1.51 8.07 16.59
CA ASP B 203 1.96 8.77 17.82
C ASP B 203 0.91 8.56 18.93
N GLU B 204 -0.39 8.58 18.59
CA GLU B 204 -1.49 8.35 19.57
C GLU B 204 -1.37 6.93 20.13
N ALA B 205 -1.34 5.93 19.25
CA ALA B 205 -1.28 4.50 19.61
C ALA B 205 -0.04 4.23 20.47
N ARG B 206 1.07 4.94 20.25
CA ARG B 206 2.30 4.75 21.06
C ARG B 206 2.10 5.25 22.49
N LEU B 207 1.71 6.53 22.66
CA LEU B 207 1.47 7.14 24.00
C LEU B 207 0.45 6.31 24.77
N ALA B 208 -0.59 5.80 24.09
CA ALA B 208 -1.67 4.96 24.65
C ALA B 208 -1.10 3.66 25.19
N MET B 209 -0.17 3.06 24.43
CA MET B 209 0.44 1.77 24.82
C MET B 209 1.33 1.99 26.04
N VAL B 210 2.00 3.14 26.11
CA VAL B 210 2.80 3.55 27.31
C VAL B 210 1.85 3.63 28.51
N ARG B 211 0.66 4.22 28.34
CA ARG B 211 -0.34 4.33 29.45
C ARG B 211 -0.74 2.93 29.91
N MET B 212 -1.02 2.01 28.96
CA MET B 212 -1.48 0.65 29.29
C MET B 212 -0.40 -0.08 30.09
N PHE B 213 0.86 0.04 29.69
CA PHE B 213 2.02 -0.60 30.38
C PHE B 213 2.29 0.10 31.71
N LYS B 214 2.14 1.42 31.78
CA LYS B 214 2.43 2.19 33.03
C LYS B 214 1.59 1.60 34.17
N LYS B 215 0.31 1.32 33.90
CA LYS B 215 -0.67 0.78 34.88
C LYS B 215 -0.13 -0.54 35.44
N ILE B 216 0.22 -1.47 34.53
CA ILE B 216 0.64 -2.85 34.88
C ILE B 216 2.02 -2.83 35.55
N ILE B 217 2.93 -2.00 35.06
CA ILE B 217 4.27 -1.82 35.68
C ILE B 217 4.04 -1.41 37.15
N ASP B 218 3.17 -0.41 37.38
CA ASP B 218 2.98 0.26 38.69
C ASP B 218 2.35 -0.73 39.68
N GLU B 219 1.44 -1.59 39.19
CA GLU B 219 0.78 -2.67 39.96
C GLU B 219 1.83 -3.72 40.36
N ARG B 220 2.72 -4.09 39.43
CA ARG B 220 3.81 -5.06 39.72
C ARG B 220 4.77 -4.47 40.76
N ARG B 221 5.01 -3.17 40.74
CA ARG B 221 6.07 -2.51 41.58
C ARG B 221 5.55 -2.32 43.00
N ALA B 222 4.25 -2.01 43.15
CA ALA B 222 3.59 -1.84 44.47
C ALA B 222 3.46 -3.20 45.15
N ASN B 223 3.69 -4.29 44.42
CA ASN B 223 3.53 -5.68 44.91
C ASN B 223 4.69 -6.56 44.45
N PRO B 224 5.95 -6.24 44.83
CA PRO B 224 7.13 -6.78 44.14
C PRO B 224 7.47 -8.27 44.37
N GLU B 225 6.61 -9.03 45.05
CA GLU B 225 6.93 -10.42 45.49
C GLU B 225 6.31 -11.44 44.51
N VAL B 226 5.37 -11.02 43.66
CA VAL B 226 4.79 -11.90 42.60
C VAL B 226 5.88 -12.20 41.56
N LYS B 227 5.81 -13.39 40.95
CA LYS B 227 6.80 -13.89 39.96
C LYS B 227 6.21 -13.71 38.56
N HIS B 228 7.03 -13.37 37.57
CA HIS B 228 6.57 -13.13 36.18
C HIS B 228 7.57 -13.70 35.16
N ASN B 229 7.14 -14.71 34.40
CA ASN B 229 7.85 -15.31 33.24
C ASN B 229 7.53 -14.53 31.96
N ASP B 230 8.19 -13.39 31.75
CA ASP B 230 7.97 -12.54 30.56
C ASP B 230 9.14 -11.57 30.37
N CYS B 231 9.18 -10.91 29.21
CA CYS B 231 10.18 -9.89 28.86
C CYS B 231 9.97 -8.64 29.73
N LEU B 232 8.72 -8.32 30.11
CA LEU B 232 8.39 -7.10 30.91
C LEU B 232 9.18 -7.11 32.23
N GLN B 233 9.23 -8.27 32.90
CA GLN B 233 9.95 -8.41 34.21
C GLN B 233 11.43 -8.10 34.01
N VAL B 234 12.04 -8.65 32.95
CA VAL B 234 13.48 -8.43 32.61
C VAL B 234 13.71 -6.93 32.44
N PHE B 235 12.79 -6.23 31.77
CA PHE B 235 12.90 -4.80 31.41
C PHE B 235 12.71 -3.95 32.68
N MET B 236 11.86 -4.40 33.59
CA MET B 236 11.60 -3.73 34.89
C MET B 236 12.84 -3.84 35.80
N ASP B 237 13.61 -4.93 35.69
CA ASP B 237 14.79 -5.19 36.57
C ASP B 237 16.06 -4.62 35.92
N ALA B 238 16.06 -4.39 34.60
CA ALA B 238 17.19 -3.79 33.86
C ALA B 238 17.62 -2.49 34.56
N ARG B 239 18.93 -2.20 34.56
CA ARG B 239 19.50 -0.93 35.05
C ARG B 239 20.61 -0.47 34.10
N TYR B 240 20.63 0.82 33.77
CA TYR B 240 21.78 1.47 33.11
C TYR B 240 22.96 1.50 34.09
N ARG B 241 24.17 1.35 33.55
CA ARG B 241 25.41 1.49 34.36
C ARG B 241 25.37 2.87 35.03
N GLY B 242 25.78 2.94 36.31
CA GLY B 242 25.95 4.20 37.05
C GLY B 242 24.62 4.93 37.22
N GLU B 243 23.54 4.18 37.45
CA GLU B 243 22.16 4.71 37.45
C GLU B 243 21.24 3.76 38.23
N GLU B 244 20.76 4.22 39.38
CA GLU B 244 20.01 3.42 40.38
C GLU B 244 18.54 3.32 39.96
N GLN B 245 18.08 4.22 39.09
CA GLN B 245 16.66 4.26 38.62
C GLN B 245 16.49 3.31 37.42
N ALA B 246 15.32 2.68 37.35
CA ALA B 246 14.88 1.79 36.26
C ALA B 246 14.68 2.60 34.98
N LEU B 247 14.58 1.93 33.84
CA LEU B 247 13.95 2.48 32.61
C LEU B 247 12.58 3.08 32.98
N ASN B 248 12.29 4.28 32.49
CA ASN B 248 10.91 4.88 32.55
C ASN B 248 9.96 4.00 31.74
N ASP B 249 8.65 4.29 31.78
CA ASP B 249 7.58 3.48 31.16
C ASP B 249 7.66 3.58 29.63
N GLU B 250 8.08 4.75 29.15
CA GLU B 250 8.29 5.11 27.72
C GLU B 250 9.33 4.17 27.10
N GLU B 251 10.50 4.04 27.76
CA GLU B 251 11.63 3.20 27.26
C GLU B 251 11.24 1.72 27.28
N ILE B 252 10.58 1.26 28.35
CA ILE B 252 10.18 -0.18 28.50
C ILE B 252 9.16 -0.51 27.42
N THR B 253 8.13 0.33 27.26
CA THR B 253 7.09 0.18 26.21
C THR B 253 7.79 0.11 24.84
N GLY B 254 8.73 1.01 24.59
CA GLY B 254 9.48 1.09 23.32
C GLY B 254 10.19 -0.23 23.02
N LEU B 255 10.81 -0.85 24.02
CA LEU B 255 11.54 -2.14 23.83
C LEU B 255 10.53 -3.22 23.44
N MET B 256 9.33 -3.21 24.05
CA MET B 256 8.23 -4.12 23.66
C MET B 256 7.90 -3.92 22.18
N ILE B 257 7.63 -2.67 21.79
CA ILE B 257 7.18 -2.33 20.41
C ILE B 257 8.30 -2.75 19.44
N ALA B 258 9.56 -2.54 19.82
CA ALA B 258 10.73 -2.92 19.01
C ALA B 258 10.67 -4.42 18.71
N LEU B 259 10.34 -5.25 19.71
CA LEU B 259 10.31 -6.72 19.55
C LEU B 259 9.07 -7.15 18.78
N LEU B 260 7.98 -6.37 18.86
CA LEU B 260 6.81 -6.62 17.98
C LEU B 260 7.22 -6.39 16.52
N PHE B 261 7.85 -5.26 16.21
CA PHE B 261 8.22 -4.93 14.81
C PHE B 261 9.28 -5.90 14.30
N ALA B 262 10.20 -6.35 15.17
CA ALA B 262 11.28 -7.29 14.81
C ALA B 262 10.70 -8.68 14.54
N GLY B 263 9.68 -9.13 15.30
CA GLY B 263 9.34 -10.55 15.42
C GLY B 263 8.01 -10.94 14.80
N GLN B 264 7.05 -10.03 14.64
CA GLN B 264 5.66 -10.42 14.24
C GLN B 264 5.65 -10.89 12.78
N HIS B 265 5.82 -9.98 11.82
CA HIS B 265 5.61 -10.28 10.39
C HIS B 265 6.73 -11.21 9.89
N THR B 266 7.95 -10.99 10.39
CA THR B 266 9.09 -11.89 10.03
C THR B 266 8.70 -13.34 10.36
N SER B 267 8.19 -13.58 11.57
CA SER B 267 7.88 -14.94 12.06
C SER B 267 6.67 -15.52 11.32
N SER B 268 5.60 -14.72 11.17
CA SER B 268 4.33 -15.20 10.54
C SER B 268 4.55 -15.50 9.06
N VAL B 269 5.37 -14.73 8.33
CA VAL B 269 5.50 -14.96 6.87
C VAL B 269 6.38 -16.20 6.67
N THR B 270 7.40 -16.34 7.50
CA THR B 270 8.32 -17.51 7.41
C THR B 270 7.56 -18.77 7.83
N GLY B 271 6.74 -18.67 8.86
CA GLY B 271 5.81 -19.75 9.26
C GLY B 271 4.86 -20.12 8.14
N SER B 272 4.36 -19.11 7.41
CA SER B 272 3.43 -19.31 6.26
C SER B 272 4.15 -20.05 5.13
N TRP B 273 5.30 -19.51 4.67
CA TRP B 273 6.10 -20.12 3.58
C TRP B 273 6.46 -21.56 3.97
N THR B 274 6.75 -21.80 5.25
CA THR B 274 7.22 -23.14 5.70
C THR B 274 6.19 -24.21 5.27
N GLY B 275 4.91 -23.94 5.54
CA GLY B 275 3.76 -24.80 5.17
C GLY B 275 3.45 -24.73 3.68
N LEU B 276 3.37 -23.53 3.10
CA LEU B 276 2.94 -23.35 1.69
C LEU B 276 3.90 -24.15 0.81
N LEU B 277 5.19 -24.12 1.12
CA LEU B 277 6.26 -24.79 0.34
C LEU B 277 6.19 -26.30 0.58
N LEU B 278 6.11 -26.74 1.85
CA LEU B 278 6.13 -28.18 2.20
C LEU B 278 4.92 -28.89 1.58
N PHE B 279 3.73 -28.28 1.59
CA PHE B 279 2.45 -28.94 1.22
C PHE B 279 2.10 -28.65 -0.24
N GLU B 280 3.02 -28.02 -0.99
CA GLU B 280 2.95 -27.98 -2.47
C GLU B 280 3.14 -29.40 -2.99
N ALA B 281 2.27 -29.85 -3.89
CA ALA B 281 2.06 -31.28 -4.23
C ALA B 281 3.42 -31.98 -4.44
N ASN B 282 4.29 -31.37 -5.24
CA ASN B 282 5.62 -31.95 -5.63
C ASN B 282 6.53 -32.04 -4.41
N ASN B 283 6.60 -30.98 -3.61
CA ASN B 283 7.50 -30.88 -2.42
C ASN B 283 7.01 -31.85 -1.35
N LYS B 284 5.69 -31.92 -1.14
CA LYS B 284 5.02 -32.79 -0.14
C LYS B 284 5.37 -34.26 -0.42
N LYS B 285 5.22 -34.69 -1.68
CA LYS B 285 5.65 -36.01 -2.21
C LYS B 285 7.04 -36.37 -1.66
N LYS B 286 8.03 -35.47 -1.83
CA LYS B 286 9.46 -35.75 -1.58
C LYS B 286 9.76 -35.69 -0.07
N PHE B 287 9.18 -34.73 0.65
CA PHE B 287 9.73 -34.26 1.95
C PHE B 287 8.77 -34.51 3.11
N LEU B 288 7.45 -34.52 2.91
CA LEU B 288 6.50 -34.61 4.05
C LEU B 288 6.72 -35.93 4.79
N PRO B 289 6.92 -37.08 4.10
CA PRO B 289 7.04 -38.36 4.80
C PRO B 289 8.18 -38.38 5.82
N GLY B 290 9.35 -37.82 5.47
CA GLY B 290 10.49 -37.64 6.38
C GLY B 290 10.10 -36.82 7.61
N VAL B 291 9.30 -35.77 7.42
CA VAL B 291 8.88 -34.85 8.52
C VAL B 291 7.92 -35.59 9.46
N LEU B 292 6.92 -36.27 8.90
CA LEU B 292 5.88 -37.01 9.68
C LEU B 292 6.56 -38.16 10.44
N GLU B 293 7.49 -38.86 9.79
CA GLU B 293 8.27 -39.95 10.43
C GLU B 293 9.06 -39.39 11.62
N GLU B 294 9.71 -38.25 11.45
CA GLU B 294 10.45 -37.55 12.53
C GLU B 294 9.52 -37.24 13.70
N GLN B 295 8.29 -36.73 13.43
CA GLN B 295 7.32 -36.37 14.49
C GLN B 295 6.99 -37.63 15.29
N GLU B 296 6.91 -38.78 14.62
CA GLU B 296 6.54 -40.10 15.23
C GLU B 296 7.69 -40.55 16.13
N GLU B 297 8.91 -40.55 15.59
CA GLU B 297 10.15 -40.89 16.34
C GLU B 297 10.27 -40.01 17.59
N ILE B 298 9.99 -38.70 17.49
CA ILE B 298 10.17 -37.77 18.65
C ILE B 298 9.14 -38.11 19.73
N ARG B 299 7.86 -38.32 19.38
CA ARG B 299 6.82 -38.58 20.41
C ARG B 299 7.11 -39.92 21.09
N LYS B 300 7.71 -40.87 20.36
CA LYS B 300 8.15 -42.18 20.93
C LYS B 300 9.28 -41.96 21.94
N GLU B 301 10.27 -41.12 21.63
CA GLU B 301 11.43 -40.84 22.53
C GLU B 301 10.97 -40.02 23.75
N PHE B 302 10.20 -38.95 23.52
CA PHE B 302 9.97 -37.87 24.52
C PHE B 302 8.54 -37.92 25.06
N GLY B 303 7.64 -38.65 24.39
CA GLY B 303 6.20 -38.68 24.73
C GLY B 303 5.43 -37.60 23.99
N ASP B 304 4.19 -37.33 24.43
CA ASP B 304 3.16 -36.59 23.66
C ASP B 304 3.33 -35.08 23.92
N GLU B 305 3.71 -34.69 25.14
CA GLU B 305 3.89 -33.26 25.52
C GLU B 305 4.95 -32.66 24.60
N LEU B 306 4.57 -31.64 23.81
CA LEU B 306 5.52 -30.80 23.05
C LEU B 306 6.41 -30.07 24.06
N THR B 307 7.71 -30.39 24.06
CA THR B 307 8.67 -29.78 25.00
C THR B 307 9.81 -29.13 24.22
N MET B 308 10.52 -28.23 24.88
CA MET B 308 11.78 -27.61 24.39
C MET B 308 12.69 -28.71 23.83
N GLU B 309 12.87 -29.80 24.58
CA GLU B 309 13.84 -30.87 24.25
C GLU B 309 13.43 -31.55 22.94
N ALA B 310 12.13 -31.85 22.78
CA ALA B 310 11.59 -32.48 21.55
C ALA B 310 11.78 -31.54 20.36
N LEU B 311 11.43 -30.26 20.53
CA LEU B 311 11.48 -29.23 19.45
C LEU B 311 12.93 -29.12 18.96
N ASN B 312 13.89 -29.25 19.89
CA ASN B 312 15.34 -29.08 19.59
C ASN B 312 15.83 -30.25 18.72
N LYS B 313 15.08 -31.34 18.60
CA LYS B 313 15.56 -32.52 17.85
C LYS B 313 14.73 -32.73 16.58
N MET B 314 13.80 -31.81 16.28
CA MET B 314 13.01 -31.82 15.02
C MET B 314 13.85 -31.21 13.90
N ASP B 315 14.82 -31.98 13.39
CA ASP B 315 15.88 -31.48 12.46
C ASP B 315 15.31 -31.30 11.05
N LYS B 316 14.45 -32.23 10.62
CA LYS B 316 13.87 -32.23 9.26
C LYS B 316 12.87 -31.07 9.15
N LEU B 317 12.05 -30.86 10.18
CA LEU B 317 11.13 -29.70 10.27
C LEU B 317 11.96 -28.40 10.37
N HIS B 318 13.01 -28.40 11.18
CA HIS B 318 13.96 -27.25 11.31
C HIS B 318 14.44 -26.84 9.91
N ARG B 319 14.84 -27.81 9.10
CA ARG B 319 15.38 -27.60 7.73
C ARG B 319 14.28 -27.09 6.78
N CYS B 320 13.02 -27.49 6.98
CA CYS B 320 11.86 -27.00 6.20
C CYS B 320 11.65 -25.50 6.45
N VAL B 321 11.80 -25.07 7.70
CA VAL B 321 11.71 -23.64 8.11
C VAL B 321 12.89 -22.88 7.50
N LYS B 322 14.08 -23.43 7.65
CA LYS B 322 15.33 -22.81 7.16
C LYS B 322 15.27 -22.65 5.63
N GLU B 323 14.73 -23.65 4.93
CA GLU B 323 14.72 -23.66 3.45
C GLU B 323 13.65 -22.68 2.95
N ALA B 324 12.53 -22.54 3.65
CA ALA B 324 11.53 -21.48 3.40
C ALA B 324 12.21 -20.11 3.55
N LEU B 325 13.00 -19.94 4.61
CA LEU B 325 13.68 -18.67 4.94
C LEU B 325 14.75 -18.39 3.89
N ARG B 326 15.40 -19.43 3.35
CA ARG B 326 16.47 -19.27 2.34
C ARG B 326 15.88 -18.71 1.04
N MET B 327 14.72 -19.23 0.65
CA MET B 327 14.11 -18.99 -0.69
C MET B 327 13.27 -17.71 -0.65
N TYR B 328 12.67 -17.40 0.50
CA TYR B 328 11.76 -16.22 0.67
C TYR B 328 12.06 -15.51 1.97
N PRO B 329 13.25 -14.90 2.12
CA PRO B 329 13.59 -14.20 3.35
C PRO B 329 12.72 -12.97 3.49
N PRO B 330 12.18 -12.71 4.71
CA PRO B 330 11.16 -11.68 4.89
C PRO B 330 11.73 -10.26 4.77
N LEU B 331 13.03 -10.10 5.06
CA LEU B 331 13.74 -8.80 4.90
C LEU B 331 14.69 -8.92 3.71
N LEU B 332 14.35 -8.25 2.60
CA LEU B 332 15.07 -8.37 1.30
C LEU B 332 16.48 -7.79 1.46
N PHE B 333 16.60 -6.71 2.22
CA PHE B 333 17.85 -5.92 2.35
C PHE B 333 18.15 -5.67 3.82
N VAL B 334 19.42 -5.73 4.19
CA VAL B 334 19.93 -5.07 5.42
C VAL B 334 21.02 -4.11 4.98
N MET B 335 21.09 -2.96 5.62
CA MET B 335 21.94 -1.86 5.10
C MET B 335 22.66 -1.15 6.23
N ARG B 336 23.74 -0.46 5.86
CA ARG B 336 24.53 0.38 6.78
C ARG B 336 25.00 1.63 6.03
N LYS B 337 25.19 2.71 6.77
CA LYS B 337 25.94 3.90 6.28
C LYS B 337 27.43 3.68 6.56
N VAL B 338 28.27 3.84 5.56
CA VAL B 338 29.76 3.69 5.71
C VAL B 338 30.29 4.94 6.42
N ILE B 339 30.73 4.78 7.66
CA ILE B 339 31.37 5.85 8.48
C ILE B 339 32.86 5.89 8.14
N LYS B 340 33.52 4.73 8.15
CA LYS B 340 34.97 4.60 7.84
C LYS B 340 35.15 3.85 6.53
N PRO B 341 35.87 4.45 5.55
CA PRO B 341 36.08 3.81 4.26
C PRO B 341 36.74 2.46 4.51
N PHE B 342 36.48 1.49 3.64
CA PHE B 342 37.08 0.14 3.73
C PHE B 342 37.37 -0.38 2.33
N SER B 343 38.34 -1.27 2.24
CA SER B 343 38.73 -1.94 0.98
C SER B 343 38.10 -3.32 0.93
N TYR B 344 37.64 -3.72 -0.25
CA TYR B 344 37.19 -5.10 -0.52
C TYR B 344 37.84 -5.58 -1.82
N LYS B 345 38.56 -6.69 -1.74
CA LYS B 345 39.51 -7.10 -2.81
C LYS B 345 40.43 -5.89 -3.05
N ASP B 346 40.46 -5.34 -4.25
CA ASP B 346 41.19 -4.07 -4.52
C ASP B 346 40.20 -3.00 -5.01
N TYR B 347 38.96 -3.03 -4.51
CA TYR B 347 38.00 -1.91 -4.64
C TYR B 347 38.02 -1.11 -3.32
N TYR B 348 37.66 0.16 -3.43
CA TYR B 348 37.54 1.12 -2.31
C TYR B 348 36.06 1.47 -2.15
N VAL B 349 35.53 1.42 -0.93
CA VAL B 349 34.15 1.91 -0.60
C VAL B 349 34.28 3.18 0.23
N PRO B 350 33.92 4.34 -0.35
CA PRO B 350 34.09 5.62 0.31
C PRO B 350 33.17 5.77 1.52
N GLU B 351 33.56 6.60 2.48
CA GLU B 351 32.67 7.20 3.52
C GLU B 351 31.40 7.70 2.82
N GLY B 352 30.24 7.51 3.45
CA GLY B 352 28.95 8.09 3.01
C GLY B 352 28.23 7.20 2.01
N ASP B 353 28.88 6.17 1.47
CA ASP B 353 28.18 5.10 0.73
C ASP B 353 27.18 4.44 1.67
N THR B 354 26.05 3.98 1.15
CA THR B 354 25.16 3.04 1.88
C THR B 354 25.44 1.64 1.33
N VAL B 355 25.87 0.72 2.19
CA VAL B 355 26.16 -0.68 1.76
C VAL B 355 24.96 -1.56 2.10
N PHE B 356 24.69 -2.49 1.20
CA PHE B 356 23.53 -3.41 1.25
C PHE B 356 24.07 -4.84 1.22
N VAL B 357 23.52 -5.70 2.05
CA VAL B 357 23.48 -7.16 1.76
C VAL B 357 22.02 -7.57 1.55
N SER B 358 21.74 -8.25 0.44
CA SER B 358 20.41 -8.83 0.18
C SER B 358 20.39 -10.31 0.50
N PRO B 359 19.78 -10.74 1.64
CA PRO B 359 19.68 -12.16 1.94
C PRO B 359 19.02 -12.91 0.79
N ALA B 360 18.05 -12.28 0.13
CA ALA B 360 17.31 -12.83 -1.02
C ALA B 360 18.32 -13.18 -2.13
N LEU B 361 19.12 -12.19 -2.53
CA LEU B 361 20.11 -12.31 -3.63
C LEU B 361 21.18 -13.33 -3.22
N SER B 362 21.77 -13.11 -2.05
CA SER B 362 22.98 -13.84 -1.59
C SER B 362 22.68 -15.34 -1.47
N MET B 363 21.43 -15.70 -1.18
CA MET B 363 21.04 -17.10 -0.90
C MET B 363 20.42 -17.72 -2.16
N ARG B 364 20.57 -17.07 -3.32
CA ARG B 364 20.30 -17.70 -4.64
C ARG B 364 21.62 -17.87 -5.41
N VAL B 365 22.77 -17.60 -4.77
CA VAL B 365 24.10 -17.67 -5.45
C VAL B 365 24.48 -19.15 -5.66
N GLU B 366 24.54 -19.58 -6.92
CA GLU B 366 24.63 -21.00 -7.34
C GLU B 366 25.88 -21.67 -6.74
N GLU B 367 26.98 -20.92 -6.61
CA GLU B 367 28.27 -21.42 -6.07
C GLU B 367 28.11 -21.76 -4.59
N VAL B 368 27.14 -21.15 -3.90
CA VAL B 368 26.94 -21.33 -2.43
C VAL B 368 25.84 -22.37 -2.21
N PHE B 369 24.71 -22.24 -2.92
CA PHE B 369 23.53 -23.12 -2.81
C PHE B 369 23.21 -23.69 -4.18
N PRO B 370 23.80 -24.86 -4.53
CA PRO B 370 23.55 -25.50 -5.83
C PRO B 370 22.06 -25.79 -6.05
N ASN B 371 21.56 -25.53 -7.26
CA ASN B 371 20.12 -25.62 -7.59
C ASN B 371 19.35 -24.66 -6.66
N ALA B 372 19.82 -23.41 -6.57
CA ALA B 372 19.37 -22.40 -5.59
C ALA B 372 17.86 -22.17 -5.73
N ASP B 373 17.29 -22.41 -6.92
CA ASP B 373 15.90 -22.03 -7.26
C ASP B 373 14.94 -23.17 -6.95
N GLN B 374 15.41 -24.25 -6.31
CA GLN B 374 14.54 -25.42 -5.99
C GLN B 374 14.50 -25.68 -4.48
N TYR B 375 13.30 -26.00 -3.98
CA TYR B 375 13.03 -26.44 -2.58
C TYR B 375 13.75 -27.77 -2.33
N ASN B 376 14.75 -27.74 -1.46
CA ASN B 376 15.50 -28.95 -1.02
C ASN B 376 15.94 -28.76 0.43
N PRO B 377 15.05 -29.00 1.41
CA PRO B 377 15.39 -28.75 2.81
C PRO B 377 16.59 -29.57 3.27
N GLU B 378 16.84 -30.69 2.60
CA GLU B 378 17.89 -31.66 3.01
C GLU B 378 19.24 -31.20 2.43
N ARG B 379 19.24 -30.11 1.64
CA ARG B 379 20.49 -29.40 1.24
C ARG B 379 21.29 -29.02 2.49
N PHE B 380 20.63 -28.79 3.63
CA PHE B 380 21.26 -28.25 4.86
C PHE B 380 22.02 -29.35 5.60
N VAL B 381 21.84 -30.62 5.22
CA VAL B 381 22.66 -31.76 5.73
C VAL B 381 24.10 -31.55 5.26
N GLU B 382 24.28 -31.27 3.97
CA GLU B 382 25.58 -30.93 3.33
C GLU B 382 26.12 -29.58 3.87
N GLU B 383 25.26 -28.57 3.95
CA GLU B 383 25.65 -27.18 4.34
C GLU B 383 26.26 -27.22 5.75
N ASP B 384 25.77 -28.10 6.62
CA ASP B 384 26.24 -28.22 8.04
C ASP B 384 27.70 -28.67 8.08
N LYS B 385 28.26 -29.12 6.95
CA LYS B 385 29.62 -29.75 6.89
C LYS B 385 30.70 -28.70 6.63
N GLN B 386 30.29 -27.47 6.31
CA GLN B 386 31.21 -26.36 5.97
C GLN B 386 31.01 -25.25 7.01
N ALA B 387 32.04 -24.46 7.30
CA ALA B 387 32.08 -23.48 8.42
C ALA B 387 32.52 -22.11 7.90
N GLN B 388 32.51 -21.89 6.58
CA GLN B 388 32.66 -20.54 5.97
C GLN B 388 31.49 -19.66 6.44
N LYS B 389 31.80 -18.47 6.96
CA LYS B 389 30.81 -17.56 7.57
C LYS B 389 29.95 -16.91 6.48
N TYR B 390 28.73 -16.51 6.85
CA TYR B 390 27.88 -15.59 6.06
C TYR B 390 27.48 -16.25 4.75
N ARG B 391 27.18 -17.55 4.78
CA ARG B 391 26.57 -18.24 3.62
C ARG B 391 25.05 -18.11 3.72
N PHE B 392 24.50 -18.53 4.85
CA PHE B 392 23.07 -18.32 5.20
C PHE B 392 22.95 -17.03 6.01
N VAL B 393 22.13 -16.08 5.55
CA VAL B 393 22.08 -14.72 6.16
C VAL B 393 20.64 -14.23 6.32
N GLY B 394 19.65 -15.13 6.37
CA GLY B 394 18.23 -14.78 6.57
C GLY B 394 18.01 -14.05 7.88
N PHE B 395 18.80 -14.38 8.91
CA PHE B 395 18.78 -13.73 10.24
C PHE B 395 19.92 -12.72 10.35
N GLY B 396 20.44 -12.27 9.21
CA GLY B 396 21.66 -11.44 9.16
C GLY B 396 22.80 -12.16 9.84
N ALA B 397 23.74 -11.42 10.44
CA ALA B 397 24.94 -12.00 11.06
C ALA B 397 25.74 -10.93 11.79
N GLY B 398 26.80 -11.35 12.46
CA GLY B 398 27.74 -10.46 13.16
C GLY B 398 27.08 -9.80 14.34
N ARG B 399 27.60 -8.63 14.71
CA ARG B 399 27.27 -7.86 15.94
C ARG B 399 25.75 -7.65 16.06
N HIS B 400 25.05 -7.43 14.95
CA HIS B 400 23.61 -7.03 14.94
C HIS B 400 22.74 -8.14 14.33
N GLY B 401 23.25 -9.37 14.31
CA GLY B 401 22.51 -10.58 13.92
C GLY B 401 21.26 -10.77 14.77
N CYS B 402 20.24 -11.42 14.22
CA CYS B 402 18.91 -11.56 14.87
C CYS B 402 19.09 -12.13 16.28
N MET B 403 18.60 -11.43 17.31
CA MET B 403 18.60 -11.96 18.69
C MET B 403 17.39 -12.88 18.89
N GLY B 404 16.42 -12.85 17.98
CA GLY B 404 15.16 -13.60 18.08
C GLY B 404 15.22 -14.96 17.42
N GLU B 405 16.36 -15.32 16.82
CA GLU B 405 16.45 -16.46 15.87
C GLU B 405 15.89 -17.72 16.54
N ASN B 406 16.32 -18.02 17.76
CA ASN B 406 15.95 -19.28 18.44
C ASN B 406 14.47 -19.21 18.86
N PHE B 407 13.98 -18.05 19.28
CA PHE B 407 12.53 -17.84 19.55
C PHE B 407 11.73 -18.20 18.29
N ALA B 408 12.15 -17.66 17.13
CA ALA B 408 11.43 -17.81 15.84
C ALA B 408 11.35 -19.28 15.47
N TYR B 409 12.46 -20.00 15.57
CA TYR B 409 12.54 -21.45 15.28
C TYR B 409 11.64 -22.22 16.24
N LEU B 410 11.59 -21.86 17.52
CA LEU B 410 10.74 -22.58 18.51
C LEU B 410 9.26 -22.28 18.22
N GLN B 411 8.92 -21.01 17.96
CA GLN B 411 7.53 -20.58 17.63
C GLN B 411 7.05 -21.35 16.39
N ILE B 412 7.86 -21.39 15.34
CA ILE B 412 7.42 -21.95 14.03
C ILE B 412 7.39 -23.48 14.05
N LYS B 413 8.37 -24.05 14.73
CA LYS B 413 8.40 -25.53 14.84
C LYS B 413 7.26 -25.99 15.74
N THR B 414 6.90 -25.20 16.74
CA THR B 414 5.74 -25.52 17.60
C THR B 414 4.46 -25.48 16.76
N ILE B 415 4.29 -24.42 15.97
CA ILE B 415 3.09 -24.22 15.11
C ILE B 415 2.93 -25.45 14.23
N TRP B 416 3.98 -25.87 13.54
CA TRP B 416 3.90 -26.94 12.51
C TRP B 416 3.90 -28.33 13.17
N SER B 417 4.37 -28.44 14.41
CA SER B 417 4.30 -29.73 15.16
C SER B 417 2.84 -30.00 15.59
N VAL B 418 2.17 -29.02 16.16
CA VAL B 418 0.73 -29.12 16.53
C VAL B 418 -0.11 -29.39 15.27
N LEU B 419 0.15 -28.67 14.17
CA LEU B 419 -0.63 -28.81 12.91
C LEU B 419 -0.41 -30.20 12.32
N LEU B 420 0.84 -30.66 12.27
CA LEU B 420 1.19 -31.95 11.60
C LEU B 420 0.63 -33.12 12.43
N ARG B 421 0.44 -32.92 13.73
CA ARG B 421 -0.06 -34.00 14.64
C ARG B 421 -1.59 -34.10 14.49
N ASN B 422 -2.29 -32.99 14.19
CA ASN B 422 -3.75 -32.89 14.40
C ASN B 422 -4.50 -32.92 13.05
N PHE B 423 -3.85 -32.54 11.94
CA PHE B 423 -4.53 -32.32 10.63
C PHE B 423 -3.73 -33.00 9.52
N ASP B 424 -4.42 -33.51 8.49
CA ASP B 424 -3.90 -33.64 7.10
C ASP B 424 -4.14 -32.31 6.38
N ILE B 425 -3.16 -31.86 5.60
CA ILE B 425 -3.14 -30.48 5.02
C ILE B 425 -2.77 -30.58 3.54
N GLU B 426 -3.42 -29.79 2.69
CA GLU B 426 -3.08 -29.71 1.26
C GLU B 426 -3.07 -28.24 0.83
N LEU B 427 -2.14 -27.89 -0.06
CA LEU B 427 -2.06 -26.54 -0.66
C LEU B 427 -3.24 -26.37 -1.62
N VAL B 428 -4.01 -25.32 -1.47
CA VAL B 428 -5.09 -24.94 -2.43
C VAL B 428 -4.47 -24.09 -3.55
N GLY B 429 -4.47 -24.64 -4.77
CA GLY B 429 -4.08 -23.92 -6.01
C GLY B 429 -2.59 -23.75 -6.13
N GLU B 430 -2.18 -22.62 -6.69
CA GLU B 430 -0.75 -22.45 -6.98
C GLU B 430 -0.01 -21.85 -5.79
N LEU B 431 1.26 -22.22 -5.68
CA LEU B 431 2.16 -21.56 -4.69
C LEU B 431 2.06 -20.05 -4.85
N PRO B 432 1.63 -19.33 -3.80
CA PRO B 432 1.61 -17.88 -3.82
C PRO B 432 2.96 -17.31 -4.25
N LYS B 433 2.91 -16.21 -4.99
CA LYS B 433 4.09 -15.36 -5.27
C LYS B 433 4.28 -14.44 -4.08
N PRO B 434 5.51 -13.91 -3.89
CA PRO B 434 5.76 -12.91 -2.87
C PRO B 434 5.02 -11.60 -3.15
N ASP B 435 4.55 -10.97 -2.08
CA ASP B 435 3.94 -9.63 -2.05
C ASP B 435 5.01 -8.64 -1.57
N TYR B 436 5.36 -7.68 -2.41
CA TYR B 436 6.51 -6.76 -2.18
C TYR B 436 6.02 -5.36 -1.76
N THR B 437 4.85 -5.24 -1.16
CA THR B 437 4.23 -3.92 -0.91
C THR B 437 4.69 -3.37 0.44
N ALA B 438 5.15 -4.22 1.35
CA ALA B 438 5.57 -3.80 2.71
C ALA B 438 7.04 -4.13 2.95
N MET B 439 7.59 -3.54 4.01
CA MET B 439 9.02 -3.68 4.38
C MET B 439 9.31 -5.15 4.72
N VAL B 440 8.29 -5.88 5.20
CA VAL B 440 8.38 -7.36 5.29
C VAL B 440 7.63 -8.00 4.11
N VAL B 441 8.37 -8.79 3.34
CA VAL B 441 7.83 -9.53 2.16
C VAL B 441 7.23 -10.85 2.64
N GLY B 442 6.01 -11.14 2.20
CA GLY B 442 5.30 -12.38 2.55
C GLY B 442 4.59 -12.97 1.33
N PRO B 443 4.03 -14.18 1.46
CA PRO B 443 3.27 -14.78 0.37
C PRO B 443 1.97 -13.99 0.14
N ALA B 444 1.68 -13.64 -1.12
CA ALA B 444 0.50 -12.85 -1.53
C ALA B 444 -0.78 -13.59 -1.13
N HIS B 445 -1.72 -12.89 -0.50
CA HIS B 445 -3.10 -13.37 -0.23
C HIS B 445 -3.78 -13.65 -1.57
N PRO B 446 -4.66 -14.68 -1.68
CA PRO B 446 -4.91 -15.62 -0.59
C PRO B 446 -3.88 -16.77 -0.50
N CYS B 447 -3.50 -17.12 0.73
CA CYS B 447 -2.50 -18.18 1.05
C CYS B 447 -3.20 -19.42 1.61
N LEU B 448 -3.89 -20.17 0.76
CA LEU B 448 -4.98 -21.09 1.21
C LEU B 448 -4.40 -22.49 1.45
N LEU B 449 -4.59 -22.99 2.68
CA LEU B 449 -4.32 -24.39 3.04
C LEU B 449 -5.64 -25.04 3.42
N ARG B 450 -5.92 -26.19 2.81
CA ARG B 450 -7.09 -27.01 3.17
C ARG B 450 -6.67 -27.99 4.27
N TYR B 451 -7.34 -27.95 5.43
CA TYR B 451 -7.09 -28.87 6.56
C TYR B 451 -8.29 -29.81 6.73
N THR B 452 -7.99 -31.05 7.09
CA THR B 452 -8.98 -32.01 7.62
C THR B 452 -8.42 -32.70 8.88
N ARG B 453 -9.12 -32.53 9.99
CA ARG B 453 -8.75 -33.11 11.32
C ARG B 453 -8.60 -34.63 11.20
N LYS B 454 -7.70 -35.21 12.01
CA LYS B 454 -7.27 -36.62 11.87
C LYS B 454 -8.27 -37.55 12.58
CHA HEM C . -9.24 15.03 -16.20
CHB HEM C . -11.33 14.76 -11.86
CHC HEM C . -14.41 11.35 -13.53
CHD HEM C . -12.16 11.51 -17.82
C1A HEM C . -9.58 15.23 -14.89
C2A HEM C . -8.89 16.14 -14.03
C3A HEM C . -9.46 16.05 -12.81
C4A HEM C . -10.50 15.10 -12.90
CMA HEM C . -9.09 16.86 -11.59
CAA HEM C . -7.76 17.09 -14.43
CBA HEM C . -6.39 16.39 -14.46
CGA HEM C . -5.27 17.38 -14.72
O1A HEM C . -5.50 18.62 -14.77
O2A HEM C . -4.11 16.96 -14.90
C1B HEM C . -12.35 13.80 -11.97
C2B HEM C . -13.24 13.50 -10.90
C3B HEM C . -14.10 12.54 -11.36
C4B HEM C . -13.72 12.29 -12.75
CMB HEM C . -13.23 14.11 -9.51
CAB HEM C . -15.24 11.83 -10.72
CBB HEM C . -16.06 12.40 -9.83
C1C HEM C . -14.05 11.06 -14.83
C2C HEM C . -14.68 10.14 -15.67
C3C HEM C . -14.01 10.19 -16.89
C4C HEM C . -12.98 11.16 -16.78
CMC HEM C . -15.86 9.30 -15.29
CAC HEM C . -14.25 9.39 -18.11
CBC HEM C . -15.37 8.73 -18.31
C1D HEM C . -11.20 12.47 -17.64
C2D HEM C . -10.34 12.85 -18.75
C3D HEM C . -9.52 13.79 -18.31
C4D HEM C . -9.94 14.08 -16.94
CMD HEM C . -10.27 12.24 -20.11
CAD HEM C . -8.33 14.32 -19.11
CBD HEM C . -8.44 15.74 -19.57
CGD HEM C . -7.12 16.13 -20.24
O1D HEM C . -7.22 16.92 -21.17
O2D HEM C . -5.95 15.73 -19.91
NA HEM C . -10.53 14.55 -14.17
NB HEM C . -12.69 13.07 -13.05
NC HEM C . -13.08 11.72 -15.55
ND HEM C . -10.94 13.25 -16.56
FE HEM C . -11.86 13.24 -14.92
C1B LMT D . -7.09 -0.36 -4.47
C2B LMT D . -8.26 -1.14 -3.90
C3B LMT D . -9.09 -0.15 -3.06
C4B LMT D . -8.20 0.24 -1.90
C5B LMT D . -6.94 0.90 -2.44
C6B LMT D . -6.01 1.22 -1.29
O1B LMT D . -7.55 0.79 -5.20
O2B LMT D . -9.00 -1.77 -4.96
O3B LMT D . -10.31 -0.70 -2.51
O4' LMT D . -8.88 1.12 -1.00
O5B LMT D . -6.26 0.05 -3.38
O6B LMT D . -4.69 1.39 -1.84
C1' LMT D . -5.90 3.61 -7.66
C2' LMT D . -4.92 2.50 -7.31
C3' LMT D . -5.67 1.31 -6.68
C4' LMT D . -6.55 1.77 -5.53
C5' LMT D . -7.31 3.05 -5.86
C6' LMT D . -7.91 3.57 -4.56
O1' LMT D . -5.20 4.67 -8.32
O2' LMT D . -4.24 2.08 -8.48
O3' LMT D . -4.73 0.33 -6.21
O5' LMT D . -6.49 4.08 -6.45
O6' LMT D . -8.61 4.77 -4.82
C1 LMT D . -5.97 5.21 -9.41
C2 LMT D . -5.15 6.22 -10.17
C3 LMT D . -6.03 7.07 -11.06
C4 LMT D . -5.20 8.15 -11.75
C5 LMT D . -6.02 8.90 -12.78
C6 LMT D . -5.29 8.92 -14.11
C7 LMT D . -5.90 9.98 -15.01
C8 LMT D . -5.62 9.64 -16.46
C9 LMT D . -6.17 10.73 -17.37
C10 LMT D . -6.75 10.10 -18.61
C11 LMT D . -6.47 10.96 -19.83
C12 LMT D . -7.34 10.49 -20.98
CHA HEM E . 17.74 -8.41 13.89
CHB HEM E . 15.67 -11.45 10.73
CHC HEM E . 12.46 -12.93 14.14
CHD HEM E . 14.47 -9.78 17.23
C1A HEM E . 17.42 -9.16 12.77
C2A HEM E . 18.10 -9.00 11.54
C3A HEM E . 17.55 -9.85 10.65
C4A HEM E . 16.47 -10.48 11.30
CMA HEM E . 18.00 -10.04 9.21
CAA HEM E . 19.31 -8.13 11.27
CBA HEM E . 18.96 -6.67 10.92
CGA HEM E . 20.19 -5.87 10.54
O1A HEM E . 21.34 -6.40 10.48
O2A HEM E . 20.11 -4.63 10.36
C1B HEM E . 14.63 -12.08 11.43
C2B HEM E . 13.85 -13.09 10.82
C3B HEM E . 12.97 -13.57 11.75
C4B HEM E . 13.21 -12.76 12.97
CMB HEM E . 14.01 -13.58 9.38
CAB HEM E . 11.91 -14.59 11.64
CBB HEM E . 12.04 -15.69 10.88
C1C HEM E . 12.72 -12.20 15.29
C2C HEM E . 12.10 -12.36 16.52
C3C HEM E . 12.67 -11.45 17.40
C4C HEM E . 13.66 -10.74 16.68
CMC HEM E . 11.00 -13.36 16.81
CAC HEM E . 12.33 -11.21 18.82
CBC HEM E . 11.09 -11.38 19.26
C1D HEM E . 15.52 -9.20 16.53
C2D HEM E . 16.37 -8.20 17.16
C3D HEM E . 17.28 -7.83 16.25
C4D HEM E . 16.98 -8.60 15.04
CMD HEM E . 16.28 -7.64 18.56
CAD HEM E . 18.36 -6.76 16.41
CBD HEM E . 19.71 -7.43 16.74
CGD HEM E . 20.78 -6.41 17.14
O1D HEM E . 21.61 -6.72 18.03
O2D HEM E . 20.85 -5.28 16.59
NA HEM E . 16.39 -10.08 12.63
NB HEM E . 14.24 -11.91 12.70
NC HEM E . 13.73 -11.27 15.41
ND HEM E . 15.92 -9.42 15.25
FE HEM E . 15.16 -10.67 14.07
C1B LMT F . 0.24 -5.32 5.99
C2B LMT F . -1.07 -5.70 6.65
C3B LMT F . -1.11 -7.20 6.84
C4B LMT F . -1.05 -7.81 5.45
C5B LMT F . 0.24 -7.37 4.77
C6B LMT F . 0.30 -7.91 3.35
O1B LMT F . 1.30 -5.78 6.85
O2B LMT F . -1.19 -5.08 7.94
O3B LMT F . -2.32 -7.56 7.50
O4' LMT F . -1.11 -9.24 5.57
O5B LMT F . 0.33 -5.94 4.70
O6B LMT F . 1.42 -7.24 2.71
C1' LMT F . 4.93 -4.37 7.99
C2' LMT F . 3.94 -3.26 7.68
C3' LMT F . 2.53 -3.85 7.67
C4' LMT F . 2.50 -5.03 6.71
C5' LMT F . 3.64 -6.01 7.00
C6' LMT F . 3.52 -7.14 5.98
O1' LMT F . 6.25 -3.86 8.07
O2' LMT F . 4.02 -2.21 8.64
O3' LMT F . 1.61 -2.85 7.26
O5' LMT F . 4.89 -5.33 6.96
O6' LMT F . 4.74 -7.84 5.81
C1 LMT F . 7.07 -4.68 8.91
C2 LMT F . 8.30 -3.89 9.32
C3 LMT F . 9.25 -4.72 10.18
C4 LMT F . 10.66 -4.20 10.00
C5 LMT F . 11.55 -4.78 11.05
C6 LMT F . 11.94 -3.73 12.05
C7 LMT F . 13.21 -4.17 12.76
C8 LMT F . 13.14 -3.79 14.22
C9 LMT F . 14.49 -4.07 14.86
C10 LMT F . 14.31 -4.12 16.37
C11 LMT F . 15.62 -3.82 17.06
C12 LMT F . 15.44 -3.99 18.55
#